data_9UOB
#
_entry.id   9UOB
#
_cell.length_a   1.00
_cell.length_b   1.00
_cell.length_c   1.00
_cell.angle_alpha   90.00
_cell.angle_beta   90.00
_cell.angle_gamma   90.00
#
_symmetry.space_group_name_H-M   'P 1'
#
loop_
_entity.id
_entity.type
_entity.pdbx_description
1 polymer 'Protein kinase domain-containing protein'
2 polymer 'Somatic embryogenesis receptor kinase 1'
3 polymer TaNNS-C
#
loop_
_entity_poly.entity_id
_entity_poly.type
_entity_poly.pdbx_seq_one_letter_code
_entity_poly.pdbx_strand_id
1 'polypeptide(L)'
;QAADDRQLLIRIKRVWRDPPVLAAWNGSGDHCTWPYVTCDASGRVTSLSLANTGVAGPFPDAIGGLSGLTSLDLSGNYLD
GELPADIGRALGKNLTSLMLNGNYFNGTIPTSLSRLKNLQSLALDNNFLAGTIPAELGDLTGLQMLTLANNSFSVGVLPA
SFKNLTQLKTFWAAICNLTGDFPSYVAEMRELEVLDLSVNALTGSIPPAIWNLAKLQTMALFANNFTGGVVVADGAFSAV
NLVMIDLSSNHRLSGPIPEAFGHLPNLETLNLYFNNFSGEIPASIGRLPSLVTLSLFRNRLTGRLPPDLGKNSSAGLMYI
DVDDNEISGAIPEGLCANGKFQSLIARNNRLNGSIPAGLASCATLNNLMLGNNQLSGEVPEALWTVPQLEYVLLRNNRLS
GSLPVKMFINLSTLHIENNQFGGNIPAAAVGLREFIAGNNNFSGEMPASLGKGMPLLQAMNLSGNQLFGGIPSSVAKLRL
LTQLDLSRNQLAGEIPAELGAMRVLSALDLSSNKLSGYIPPPLAGLPLTFLNLSSNQLDGQVPAGLATAAYDRSFLGNPG
LCHAGLGPRYLTGVRSCAAGS
;
A
2 'polypeptide(L)'
;NTEGDALYSLRQSLKDANNVLQSWDPTLVNPCTWFHVTCNTDNSVIRVDLGNAQLSGALVSQLGQLKNLQYLELYSNNIS
GTIPLELGNLTNLVSLDLYLNKFTGGIPDTLGKLLKLRFLRLNNNSLSGQIPQSLTNISTLQVLDLSNNNLSGAVPSTGS
FSLFTPISFGNNPNLCGPGTTKPCPGA
;
B
3 'polypeptide(L)' PRGGGSAGAPNGCTNNPKHPPGGKCHG C
#
# COMPACT_ATOMS: atom_id res chain seq x y z
N ASP A 4 -45.57 2.55 -36.89
CA ASP A 4 -45.05 1.21 -36.58
C ASP A 4 -43.82 1.31 -35.69
N ASP A 5 -43.18 2.48 -35.70
CA ASP A 5 -41.96 2.66 -34.91
C ASP A 5 -42.26 2.64 -33.41
N ARG A 6 -43.49 2.98 -33.02
CA ARG A 6 -43.85 2.98 -31.61
C ARG A 6 -43.81 1.56 -31.04
N GLN A 7 -44.37 0.60 -31.76
CA GLN A 7 -44.35 -0.79 -31.30
C GLN A 7 -42.92 -1.31 -31.23
N LEU A 8 -42.11 -0.99 -32.24
CA LEU A 8 -40.70 -1.42 -32.24
C LEU A 8 -39.96 -0.82 -31.06
N LEU A 9 -40.20 0.46 -30.76
CA LEU A 9 -39.51 1.10 -29.64
C LEU A 9 -39.95 0.49 -28.31
N ILE A 10 -41.24 0.25 -28.13
CA ILE A 10 -41.72 -0.30 -26.86
C ILE A 10 -41.35 -1.77 -26.71
N ARG A 11 -41.08 -2.49 -27.80
CA ARG A 11 -40.66 -3.87 -27.68
C ARG A 11 -39.34 -3.98 -26.91
N ILE A 12 -38.45 -3.01 -27.09
CA ILE A 12 -37.20 -2.99 -26.35
C ILE A 12 -37.47 -2.89 -24.85
N LYS A 13 -38.40 -2.02 -24.47
CA LYS A 13 -38.78 -1.91 -23.06
C LYS A 13 -39.40 -3.20 -22.54
N ARG A 14 -40.28 -3.82 -23.34
CA ARG A 14 -40.90 -5.07 -22.91
C ARG A 14 -39.87 -6.17 -22.72
N VAL A 15 -38.82 -6.18 -23.54
CA VAL A 15 -37.75 -7.16 -23.38
C VAL A 15 -37.06 -6.98 -22.03
N TRP A 16 -36.85 -5.73 -21.62
CA TRP A 16 -36.20 -5.41 -20.36
C TRP A 16 -37.16 -5.41 -19.18
N ARG A 17 -38.30 -6.08 -19.30
CA ARG A 17 -39.27 -6.24 -18.21
C ARG A 17 -39.76 -4.88 -17.69
N ASP A 18 -39.96 -3.94 -18.62
CA ASP A 18 -40.56 -2.65 -18.33
C ASP A 18 -39.84 -1.92 -17.19
N PRO A 19 -38.64 -1.39 -17.42
CA PRO A 19 -37.94 -0.64 -16.37
C PRO A 19 -38.72 0.61 -15.99
N PRO A 20 -38.71 0.98 -14.70
CA PRO A 20 -39.44 2.19 -14.27
C PRO A 20 -38.87 3.48 -14.87
N VAL A 21 -37.62 3.46 -15.35
CA VAL A 21 -37.01 4.67 -15.88
C VAL A 21 -37.77 5.16 -17.10
N LEU A 22 -38.10 4.24 -18.01
CA LEU A 22 -38.83 4.57 -19.23
C LEU A 22 -40.34 4.51 -19.00
N ALA A 23 -40.82 5.27 -18.01
CA ALA A 23 -42.24 5.27 -17.66
C ALA A 23 -43.08 6.17 -18.56
N ALA A 24 -42.45 7.04 -19.35
CA ALA A 24 -43.17 7.95 -20.22
C ALA A 24 -43.36 7.40 -21.63
N TRP A 25 -42.95 6.17 -21.88
CA TRP A 25 -43.06 5.56 -23.21
C TRP A 25 -44.38 4.81 -23.35
N ASN A 26 -45.48 5.54 -23.16
CA ASN A 26 -46.83 4.97 -23.24
C ASN A 26 -47.69 5.83 -24.16
N GLY A 27 -47.60 5.54 -25.46
CA GLY A 27 -48.47 6.11 -26.48
C GLY A 27 -48.88 7.56 -26.32
N SER A 28 -47.94 8.44 -25.96
CA SER A 28 -48.25 9.85 -25.75
C SER A 28 -47.94 10.64 -27.01
N GLY A 29 -48.78 10.42 -28.02
CA GLY A 29 -48.62 11.12 -29.29
C GLY A 29 -47.29 10.80 -29.93
N ASP A 30 -46.58 11.84 -30.36
CA ASP A 30 -45.27 11.66 -30.97
C ASP A 30 -44.26 11.16 -29.95
N HIS A 31 -43.33 10.34 -30.41
CA HIS A 31 -42.32 9.73 -29.55
C HIS A 31 -41.05 10.57 -29.43
N CYS A 32 -40.97 11.70 -30.14
CA CYS A 32 -39.75 12.51 -30.09
C CYS A 32 -39.62 13.25 -28.78
N THR A 33 -40.74 13.62 -28.15
CA THR A 33 -40.70 14.26 -26.84
C THR A 33 -40.38 13.27 -25.72
N TRP A 34 -40.38 11.97 -26.01
CA TRP A 34 -40.04 10.98 -25.01
C TRP A 34 -38.57 11.14 -24.61
N PRO A 35 -38.25 10.90 -23.34
CA PRO A 35 -36.86 11.03 -22.90
C PRO A 35 -35.95 10.01 -23.56
N TYR A 36 -34.69 10.41 -23.75
CA TYR A 36 -33.62 9.58 -24.30
C TYR A 36 -33.85 9.18 -25.75
N VAL A 37 -34.79 9.82 -26.44
CA VAL A 37 -35.13 9.49 -27.82
C VAL A 37 -35.07 10.75 -28.66
N THR A 38 -34.38 10.67 -29.80
CA THR A 38 -34.24 11.79 -30.72
C THR A 38 -34.59 11.32 -32.13
N CYS A 39 -35.40 12.10 -32.83
CA CYS A 39 -35.81 11.79 -34.19
C CYS A 39 -35.21 12.79 -35.17
N ASP A 40 -35.09 12.36 -36.42
CA ASP A 40 -34.67 13.25 -37.50
C ASP A 40 -35.88 14.06 -37.99
N ALA A 41 -35.72 14.74 -39.13
CA ALA A 41 -36.82 15.51 -39.68
C ALA A 41 -37.98 14.62 -40.12
N SER A 42 -37.69 13.37 -40.47
CA SER A 42 -38.71 12.43 -40.93
C SER A 42 -39.40 11.71 -39.78
N GLY A 43 -38.95 11.90 -38.55
CA GLY A 43 -39.54 11.26 -37.39
C GLY A 43 -38.92 9.95 -36.98
N ARG A 44 -38.08 9.34 -37.82
CA ARG A 44 -37.43 8.10 -37.46
C ARG A 44 -36.36 8.33 -36.40
N VAL A 45 -36.16 7.34 -35.55
CA VAL A 45 -35.21 7.45 -34.45
C VAL A 45 -33.79 7.48 -35.00
N THR A 46 -33.00 8.45 -34.55
CA THR A 46 -31.62 8.60 -34.98
C THR A 46 -30.61 8.46 -33.85
N SER A 47 -31.02 8.60 -32.59
CA SER A 47 -30.13 8.50 -31.45
C SER A 47 -30.84 7.81 -30.31
N LEU A 48 -30.15 6.88 -29.67
CA LEU A 48 -30.65 6.15 -28.49
C LEU A 48 -29.55 6.22 -27.44
N SER A 49 -29.65 7.20 -26.55
CA SER A 49 -28.68 7.43 -25.49
C SER A 49 -29.32 7.01 -24.17
N LEU A 50 -28.88 5.87 -23.65
CA LEU A 50 -29.37 5.32 -22.38
C LEU A 50 -28.21 5.06 -21.43
N ALA A 51 -27.29 6.01 -21.33
CA ALA A 51 -26.09 5.83 -20.53
C ALA A 51 -26.42 5.83 -19.05
N ASN A 52 -25.89 4.84 -18.33
CA ASN A 52 -26.08 4.64 -16.88
C ASN A 52 -27.49 5.01 -16.44
N THR A 53 -28.47 4.34 -17.04
CA THR A 53 -29.86 4.55 -16.66
C THR A 53 -30.31 3.54 -15.60
N GLY A 54 -30.00 2.26 -15.81
CA GLY A 54 -30.35 1.24 -14.84
C GLY A 54 -31.06 0.04 -15.43
N VAL A 55 -31.12 -0.03 -16.77
CA VAL A 55 -31.80 -1.14 -17.42
C VAL A 55 -31.01 -2.43 -17.23
N ALA A 56 -31.70 -3.54 -17.47
CA ALA A 56 -31.09 -4.86 -17.32
C ALA A 56 -31.75 -5.83 -18.27
N GLY A 57 -31.05 -6.92 -18.57
CA GLY A 57 -31.56 -7.94 -19.45
C GLY A 57 -30.61 -8.22 -20.61
N PRO A 58 -31.01 -9.11 -21.50
CA PRO A 58 -30.17 -9.45 -22.65
C PRO A 58 -30.24 -8.35 -23.72
N PHE A 59 -29.32 -8.45 -24.66
CA PHE A 59 -29.27 -7.49 -25.76
C PHE A 59 -30.47 -7.71 -26.68
N PRO A 60 -31.34 -6.71 -26.85
CA PRO A 60 -32.52 -6.91 -27.71
C PRO A 60 -32.13 -7.10 -29.16
N ASP A 61 -32.91 -7.93 -29.86
CA ASP A 61 -32.72 -8.17 -31.29
C ASP A 61 -33.67 -7.34 -32.15
N ALA A 62 -34.57 -6.56 -31.53
CA ALA A 62 -35.47 -5.71 -32.29
C ALA A 62 -34.83 -4.38 -32.68
N ILE A 63 -33.70 -4.02 -32.07
CA ILE A 63 -33.02 -2.77 -32.41
C ILE A 63 -32.59 -2.76 -33.87
N GLY A 64 -32.37 -3.94 -34.46
CA GLY A 64 -32.03 -4.01 -35.87
C GLY A 64 -33.13 -3.51 -36.79
N GLY A 65 -34.37 -3.42 -36.29
CA GLY A 65 -35.44 -2.87 -37.10
C GLY A 65 -35.48 -1.35 -37.14
N LEU A 66 -34.68 -0.69 -36.29
CA LEU A 66 -34.63 0.77 -36.24
C LEU A 66 -33.69 1.32 -37.31
N SER A 67 -34.14 1.22 -38.56
CA SER A 67 -33.39 1.75 -39.68
C SER A 67 -33.21 3.26 -39.54
N GLY A 68 -32.05 3.76 -39.95
CA GLY A 68 -31.69 5.15 -39.78
C GLY A 68 -31.00 5.46 -38.48
N LEU A 69 -30.78 4.46 -37.62
CA LEU A 69 -30.07 4.67 -36.37
C LEU A 69 -28.66 5.19 -36.63
N THR A 70 -28.29 6.26 -35.95
CA THR A 70 -26.97 6.87 -36.09
C THR A 70 -26.15 6.88 -34.82
N SER A 71 -26.77 7.03 -33.66
CA SER A 71 -26.05 7.00 -32.38
C SER A 71 -26.70 5.99 -31.46
N LEU A 72 -25.89 5.09 -30.89
CA LEU A 72 -26.39 4.10 -29.96
C LEU A 72 -25.44 3.98 -28.78
N ASP A 73 -25.93 4.33 -27.59
CA ASP A 73 -25.14 4.32 -26.37
C ASP A 73 -25.91 3.48 -25.35
N LEU A 74 -25.27 2.41 -24.87
CA LEU A 74 -25.84 1.56 -23.83
C LEU A 74 -24.83 1.30 -22.72
N SER A 75 -23.95 2.26 -22.47
CA SER A 75 -22.86 2.07 -21.52
C SER A 75 -23.35 2.20 -20.08
N GLY A 76 -22.68 1.49 -19.18
CA GLY A 76 -22.91 1.61 -17.76
C GLY A 76 -24.12 0.88 -17.23
N ASN A 77 -24.90 0.21 -18.08
CA ASN A 77 -26.10 -0.48 -17.65
C ASN A 77 -25.74 -1.86 -17.13
N TYR A 78 -26.76 -2.67 -16.85
CA TYR A 78 -26.58 -4.04 -16.37
C TYR A 78 -26.88 -5.08 -17.44
N LEU A 79 -26.78 -4.70 -18.71
CA LEU A 79 -27.05 -5.63 -19.80
C LEU A 79 -26.05 -6.76 -19.79
N ASP A 80 -26.54 -7.99 -19.99
CA ASP A 80 -25.69 -9.16 -20.02
C ASP A 80 -26.09 -10.09 -21.16
N GLY A 81 -25.49 -11.28 -21.20
CA GLY A 81 -25.84 -12.25 -22.23
C GLY A 81 -24.76 -12.45 -23.26
N GLU A 82 -25.11 -12.29 -24.54
CA GLU A 82 -24.16 -12.50 -25.62
C GLU A 82 -24.59 -11.66 -26.81
N LEU A 83 -23.65 -10.95 -27.41
CA LEU A 83 -23.94 -10.16 -28.60
C LEU A 83 -24.31 -11.10 -29.74
N PRO A 84 -25.36 -10.81 -30.51
CA PRO A 84 -25.74 -11.69 -31.61
C PRO A 84 -24.62 -11.83 -32.64
N ALA A 85 -24.48 -13.05 -33.17
CA ALA A 85 -23.45 -13.31 -34.18
C ALA A 85 -23.73 -12.55 -35.47
N ASP A 86 -25.01 -12.26 -35.75
CA ASP A 86 -25.42 -11.53 -36.94
C ASP A 86 -25.65 -10.05 -36.66
N ILE A 87 -24.88 -9.47 -35.74
CA ILE A 87 -25.07 -8.07 -35.39
C ILE A 87 -24.75 -7.16 -36.57
N GLY A 88 -23.77 -7.54 -37.38
CA GLY A 88 -23.36 -6.71 -38.50
C GLY A 88 -24.24 -6.81 -39.73
N ARG A 89 -25.24 -7.69 -39.72
CA ARG A 89 -26.08 -7.90 -40.89
C ARG A 89 -27.48 -7.31 -40.76
N ALA A 90 -27.91 -6.96 -39.55
CA ALA A 90 -29.26 -6.43 -39.37
C ALA A 90 -29.34 -5.20 -38.48
N LEU A 91 -28.31 -4.85 -37.72
CA LEU A 91 -28.41 -3.75 -36.77
C LEU A 91 -28.61 -2.40 -37.46
N GLY A 92 -28.02 -2.19 -38.63
CA GLY A 92 -28.20 -0.95 -39.35
C GLY A 92 -27.07 -0.71 -40.30
N LYS A 93 -27.14 0.44 -40.98
CA LYS A 93 -26.13 0.82 -41.95
C LYS A 93 -25.70 2.27 -41.85
N ASN A 94 -26.29 3.07 -40.95
CA ASN A 94 -25.97 4.48 -40.82
C ASN A 94 -25.53 4.83 -39.40
N LEU A 95 -25.04 3.84 -38.65
CA LEU A 95 -24.59 4.08 -37.28
C LEU A 95 -23.11 4.45 -37.27
N THR A 96 -22.75 5.37 -36.37
CA THR A 96 -21.38 5.82 -36.24
C THR A 96 -20.86 5.87 -34.81
N SER A 97 -21.70 5.64 -33.80
CA SER A 97 -21.32 5.85 -32.41
C SER A 97 -21.76 4.69 -31.54
N LEU A 98 -21.46 3.46 -31.97
CA LEU A 98 -21.75 2.27 -31.17
C LEU A 98 -20.92 2.31 -29.89
N MET A 99 -21.58 2.38 -28.72
CA MET A 99 -20.88 2.43 -27.45
C MET A 99 -21.45 1.35 -26.51
N LEU A 100 -20.85 0.16 -26.54
CA LEU A 100 -21.22 -0.92 -25.64
C LEU A 100 -20.05 -1.20 -24.70
N ASN A 101 -19.97 -0.45 -23.61
CA ASN A 101 -18.89 -0.60 -22.64
C ASN A 101 -19.45 -0.59 -21.22
N GLY A 102 -18.72 -1.23 -20.31
CA GLY A 102 -19.10 -1.25 -18.92
C GLY A 102 -20.22 -2.19 -18.56
N ASN A 103 -20.65 -3.03 -19.49
CA ASN A 103 -21.76 -3.95 -19.28
C ASN A 103 -21.25 -5.30 -18.78
N TYR A 104 -22.13 -6.30 -18.72
CA TYR A 104 -21.76 -7.62 -18.22
C TYR A 104 -21.85 -8.65 -19.36
N PHE A 105 -21.42 -8.25 -20.55
CA PHE A 105 -21.55 -9.10 -21.73
C PHE A 105 -20.58 -10.28 -21.66
N ASN A 106 -21.10 -11.47 -21.97
CA ASN A 106 -20.31 -12.68 -22.02
C ASN A 106 -19.98 -13.04 -23.47
N GLY A 107 -19.38 -14.21 -23.66
CA GLY A 107 -19.09 -14.70 -24.99
C GLY A 107 -17.87 -14.02 -25.61
N THR A 108 -17.73 -14.25 -26.92
CA THR A 108 -16.65 -13.70 -27.70
C THR A 108 -17.15 -12.58 -28.61
N ILE A 109 -16.21 -11.78 -29.09
CA ILE A 109 -16.57 -10.65 -29.95
C ILE A 109 -17.05 -11.19 -31.30
N PRO A 110 -18.22 -10.79 -31.77
CA PRO A 110 -18.68 -11.23 -33.10
C PRO A 110 -17.75 -10.73 -34.19
N THR A 111 -17.56 -11.55 -35.21
CA THR A 111 -16.69 -11.22 -36.34
C THR A 111 -17.43 -10.54 -37.49
N SER A 112 -18.75 -10.33 -37.36
CA SER A 112 -19.51 -9.63 -38.38
C SER A 112 -19.42 -8.12 -38.26
N LEU A 113 -18.76 -7.61 -37.20
CA LEU A 113 -18.67 -6.17 -37.00
C LEU A 113 -17.92 -5.47 -38.11
N SER A 114 -17.17 -6.21 -38.93
CA SER A 114 -16.49 -5.63 -40.07
C SER A 114 -17.45 -5.21 -41.18
N ARG A 115 -18.71 -5.64 -41.13
CA ARG A 115 -19.68 -5.32 -42.16
C ARG A 115 -20.40 -4.00 -41.92
N LEU A 116 -19.91 -3.19 -40.99
CA LEU A 116 -20.50 -1.89 -40.68
C LEU A 116 -19.48 -0.78 -40.87
N LYS A 117 -18.84 -0.72 -42.04
CA LYS A 117 -17.74 0.21 -42.29
C LYS A 117 -18.31 1.61 -42.42
N ASN A 118 -18.79 2.17 -41.32
CA ASN A 118 -19.11 3.59 -41.24
C ASN A 118 -18.90 4.07 -39.81
N LEU A 119 -18.41 3.23 -38.91
CA LEU A 119 -18.28 3.58 -37.50
C LEU A 119 -17.19 4.62 -37.29
N GLN A 120 -17.37 5.42 -36.24
CA GLN A 120 -16.36 6.37 -35.80
C GLN A 120 -15.93 6.16 -34.36
N SER A 121 -16.67 5.36 -33.58
CA SER A 121 -16.30 5.08 -32.20
C SER A 121 -16.81 3.69 -31.86
N LEU A 122 -15.91 2.82 -31.43
CA LEU A 122 -16.25 1.45 -31.04
C LEU A 122 -15.54 1.14 -29.73
N ALA A 123 -16.31 0.96 -28.66
CA ALA A 123 -15.76 0.80 -27.31
C ALA A 123 -16.39 -0.42 -26.64
N LEU A 124 -15.80 -1.59 -26.88
CA LEU A 124 -16.17 -2.81 -26.17
C LEU A 124 -15.18 -3.10 -25.04
N ASP A 125 -15.16 -2.21 -24.05
CA ASP A 125 -14.20 -2.28 -22.97
C ASP A 125 -14.90 -2.47 -21.63
N ASN A 126 -14.16 -3.01 -20.66
CA ASN A 126 -14.65 -3.31 -19.32
C ASN A 126 -15.80 -4.31 -19.32
N ASN A 127 -15.89 -5.14 -20.36
CA ASN A 127 -16.89 -6.19 -20.43
C ASN A 127 -16.29 -7.50 -19.92
N PHE A 128 -17.01 -8.60 -20.11
CA PHE A 128 -16.57 -9.94 -19.72
C PHE A 128 -16.35 -10.82 -20.94
N LEU A 129 -15.82 -10.25 -22.01
CA LEU A 129 -15.59 -11.00 -23.23
C LEU A 129 -14.44 -12.00 -23.04
N ALA A 130 -14.28 -12.87 -24.03
CA ALA A 130 -13.27 -13.92 -23.95
C ALA A 130 -12.84 -14.29 -25.36
N GLY A 131 -11.68 -14.94 -25.44
CA GLY A 131 -11.14 -15.37 -26.71
C GLY A 131 -9.91 -14.61 -27.14
N THR A 132 -9.97 -13.99 -28.32
CA THR A 132 -8.86 -13.23 -28.86
C THR A 132 -9.44 -12.11 -29.72
N ILE A 133 -8.66 -11.04 -29.87
CA ILE A 133 -9.07 -9.91 -30.70
C ILE A 133 -9.08 -10.37 -32.15
N PRO A 134 -10.24 -10.33 -32.82
CA PRO A 134 -10.30 -10.79 -34.21
C PRO A 134 -9.53 -9.87 -35.15
N ALA A 135 -8.97 -10.46 -36.20
CA ALA A 135 -8.27 -9.67 -37.21
C ALA A 135 -9.24 -8.83 -38.04
N GLU A 136 -10.45 -9.35 -38.27
CA GLU A 136 -11.43 -8.62 -39.07
C GLU A 136 -11.78 -7.26 -38.49
N LEU A 137 -11.55 -7.07 -37.18
CA LEU A 137 -11.81 -5.77 -36.57
C LEU A 137 -10.92 -4.68 -37.14
N GLY A 138 -9.84 -5.04 -37.84
CA GLY A 138 -9.02 -4.08 -38.53
C GLY A 138 -9.57 -3.60 -39.85
N ASP A 139 -10.73 -4.11 -40.27
CA ASP A 139 -11.33 -3.69 -41.53
C ASP A 139 -12.08 -2.36 -41.43
N LEU A 140 -12.32 -1.87 -40.21
CA LEU A 140 -13.02 -0.60 -40.02
C LEU A 140 -12.01 0.54 -40.11
N THR A 141 -11.67 0.88 -41.35
CA THR A 141 -10.65 1.91 -41.58
C THR A 141 -11.12 3.30 -41.16
N GLY A 142 -12.41 3.49 -40.95
CA GLY A 142 -12.96 4.76 -40.53
C GLY A 142 -13.01 4.97 -39.02
N LEU A 143 -12.43 4.07 -38.24
CA LEU A 143 -12.46 4.18 -36.79
C LEU A 143 -11.69 5.41 -36.31
N GLN A 144 -12.17 5.99 -35.22
CA GLN A 144 -11.50 7.12 -34.58
C GLN A 144 -11.25 6.91 -33.09
N MET A 145 -11.86 5.91 -32.47
CA MET A 145 -11.63 5.63 -31.06
C MET A 145 -11.95 4.17 -30.81
N LEU A 146 -10.92 3.36 -30.55
CA LEU A 146 -11.07 1.93 -30.29
C LEU A 146 -10.52 1.64 -28.90
N THR A 147 -11.37 1.14 -28.02
CA THR A 147 -10.97 0.79 -26.66
C THR A 147 -11.40 -0.65 -26.38
N LEU A 148 -10.42 -1.54 -26.26
CA LEU A 148 -10.64 -2.93 -25.86
C LEU A 148 -9.71 -3.16 -24.67
N ALA A 149 -10.23 -3.00 -23.46
CA ALA A 149 -9.43 -3.06 -22.26
C ALA A 149 -10.15 -3.81 -21.16
N ASN A 150 -9.38 -4.38 -20.25
CA ASN A 150 -9.89 -5.03 -19.03
C ASN A 150 -10.87 -6.15 -19.36
N ASN A 151 -10.59 -6.90 -20.42
CA ASN A 151 -11.40 -8.04 -20.82
C ASN A 151 -10.72 -9.35 -20.41
N SER A 152 -11.51 -10.42 -20.39
CA SER A 152 -11.00 -11.74 -20.02
C SER A 152 -10.56 -12.51 -21.27
N PHE A 153 -9.60 -11.92 -21.97
CA PHE A 153 -9.06 -12.51 -23.19
C PHE A 153 -8.10 -13.64 -22.85
N SER A 154 -7.45 -14.20 -23.86
CA SER A 154 -6.44 -15.23 -23.71
C SER A 154 -5.13 -14.74 -24.30
N VAL A 155 -4.13 -15.63 -24.29
CA VAL A 155 -2.82 -15.30 -24.85
C VAL A 155 -2.95 -15.09 -26.35
N GLY A 156 -2.72 -13.86 -26.80
CA GLY A 156 -2.87 -13.52 -28.20
C GLY A 156 -2.12 -12.26 -28.54
N VAL A 157 -1.74 -12.15 -29.81
CA VAL A 157 -0.98 -11.01 -30.31
C VAL A 157 -1.93 -10.11 -31.10
N LEU A 158 -1.67 -8.81 -31.05
CA LEU A 158 -2.47 -7.86 -31.81
C LEU A 158 -2.37 -8.18 -33.30
N PRO A 159 -3.49 -8.27 -34.02
CA PRO A 159 -3.42 -8.57 -35.45
C PRO A 159 -2.69 -7.48 -36.22
N ALA A 160 -1.98 -7.90 -37.27
CA ALA A 160 -1.29 -6.95 -38.14
C ALA A 160 -2.26 -6.07 -38.92
N SER A 161 -3.50 -6.51 -39.12
CA SER A 161 -4.49 -5.71 -39.82
C SER A 161 -4.77 -4.39 -39.11
N PHE A 162 -4.44 -4.28 -37.83
CA PHE A 162 -4.59 -3.02 -37.12
C PHE A 162 -3.70 -1.92 -37.71
N LYS A 163 -2.71 -2.29 -38.52
CA LYS A 163 -1.92 -1.28 -39.22
C LYS A 163 -2.75 -0.51 -40.24
N ASN A 164 -3.93 -1.01 -40.59
CA ASN A 164 -4.81 -0.33 -41.54
C ASN A 164 -5.56 0.84 -40.93
N LEU A 165 -5.55 0.97 -39.60
CA LEU A 165 -6.26 2.05 -38.93
C LEU A 165 -5.29 3.23 -38.78
N THR A 166 -5.37 4.16 -39.73
CA THR A 166 -4.50 5.33 -39.76
C THR A 166 -5.17 6.59 -39.26
N GLN A 167 -6.37 6.49 -38.70
CA GLN A 167 -7.12 7.65 -38.21
C GLN A 167 -7.50 7.53 -36.74
N LEU A 168 -6.88 6.62 -36.01
CA LEU A 168 -7.21 6.43 -34.60
C LEU A 168 -6.79 7.64 -33.77
N LYS A 169 -7.56 7.89 -32.70
CA LYS A 169 -7.23 8.95 -31.76
C LYS A 169 -7.10 8.44 -30.33
N THR A 170 -7.49 7.20 -30.05
CA THR A 170 -7.36 6.63 -28.72
C THR A 170 -7.20 5.12 -28.86
N PHE A 171 -6.10 4.60 -28.32
CA PHE A 171 -5.78 3.17 -28.39
C PHE A 171 -5.66 2.66 -26.96
N TRP A 172 -6.80 2.28 -26.38
CA TRP A 172 -6.85 1.85 -24.99
C TRP A 172 -6.91 0.32 -24.92
N ALA A 173 -5.76 -0.30 -25.13
CA ALA A 173 -5.59 -1.74 -24.91
C ALA A 173 -4.86 -1.97 -23.59
N ALA A 174 -5.59 -1.77 -22.49
CA ALA A 174 -4.95 -1.77 -21.18
C ALA A 174 -4.57 -3.18 -20.74
N ILE A 175 -5.57 -4.05 -20.52
CA ILE A 175 -5.32 -5.37 -19.97
C ILE A 175 -6.00 -6.41 -20.84
N CYS A 176 -5.24 -7.03 -21.75
CA CYS A 176 -5.82 -8.01 -22.67
C CYS A 176 -4.91 -9.21 -22.92
N ASN A 177 -4.03 -9.55 -21.97
CA ASN A 177 -3.23 -10.77 -22.00
C ASN A 177 -2.29 -10.82 -23.22
N LEU A 178 -1.85 -9.67 -23.71
CA LEU A 178 -1.04 -9.64 -24.92
C LEU A 178 0.35 -10.22 -24.69
N THR A 179 0.93 -10.74 -25.78
CA THR A 179 2.33 -11.13 -25.83
C THR A 179 2.90 -10.61 -27.15
N GLY A 180 4.12 -11.04 -27.47
CA GLY A 180 4.74 -10.65 -28.72
C GLY A 180 5.59 -9.40 -28.60
N ASP A 181 5.89 -8.82 -29.75
CA ASP A 181 6.74 -7.64 -29.85
C ASP A 181 5.91 -6.36 -29.90
N PHE A 182 6.59 -5.24 -29.66
CA PHE A 182 5.94 -3.95 -29.68
C PHE A 182 5.46 -3.64 -31.10
N PRO A 183 4.24 -3.13 -31.26
CA PRO A 183 3.74 -2.83 -32.61
C PRO A 183 4.57 -1.75 -33.29
N SER A 184 4.99 -2.02 -34.52
CA SER A 184 5.78 -1.08 -35.29
C SER A 184 4.93 -0.13 -36.12
N TYR A 185 3.62 -0.36 -36.20
CA TYR A 185 2.72 0.51 -36.94
C TYR A 185 2.12 1.61 -36.07
N VAL A 186 2.46 1.66 -34.79
CA VAL A 186 1.96 2.73 -33.93
C VAL A 186 2.53 4.07 -34.36
N ALA A 187 3.78 4.10 -34.78
CA ALA A 187 4.40 5.35 -35.22
C ALA A 187 3.83 5.87 -36.53
N GLU A 188 3.03 5.07 -37.24
CA GLU A 188 2.41 5.54 -38.47
C GLU A 188 1.02 6.13 -38.27
N MET A 189 0.49 6.07 -37.05
CA MET A 189 -0.80 6.70 -36.75
C MET A 189 -0.52 8.13 -36.28
N ARG A 190 -0.38 9.03 -37.26
CA ARG A 190 0.00 10.41 -36.95
C ARG A 190 -1.22 11.25 -36.58
N GLU A 191 -2.06 10.71 -35.70
CA GLU A 191 -3.15 11.47 -35.11
C GLU A 191 -3.38 11.11 -33.64
N LEU A 192 -2.54 10.28 -33.05
CA LEU A 192 -2.80 9.74 -31.72
C LEU A 192 -2.78 10.85 -30.67
N GLU A 193 -3.76 10.80 -29.75
CA GLU A 193 -3.78 11.67 -28.59
C GLU A 193 -3.57 10.93 -27.28
N VAL A 194 -4.02 9.68 -27.19
CA VAL A 194 -3.80 8.86 -26.01
C VAL A 194 -3.32 7.48 -26.47
N LEU A 195 -2.19 7.04 -25.92
CA LEU A 195 -1.67 5.70 -26.17
C LEU A 195 -1.54 5.00 -24.83
N ASP A 196 -2.30 3.93 -24.63
CA ASP A 196 -2.39 3.26 -23.33
C ASP A 196 -2.18 1.77 -23.46
N LEU A 197 -1.13 1.37 -24.18
CA LEU A 197 -0.67 -0.01 -24.04
C LEU A 197 -0.16 -0.22 -22.62
N SER A 198 -0.88 -1.04 -21.87
CA SER A 198 -0.70 -1.14 -20.43
C SER A 198 -0.34 -2.58 -20.10
N VAL A 199 -0.41 -2.92 -18.80
CA VAL A 199 0.20 -4.13 -18.26
C VAL A 199 -0.11 -5.34 -19.15
N ASN A 200 0.94 -6.00 -19.61
CA ASN A 200 0.87 -7.04 -20.63
C ASN A 200 2.14 -7.87 -20.53
N ALA A 201 2.42 -8.66 -21.57
CA ALA A 201 3.67 -9.42 -21.67
C ALA A 201 4.45 -9.07 -22.92
N LEU A 202 4.31 -7.84 -23.43
CA LEU A 202 5.04 -7.42 -24.61
C LEU A 202 6.54 -7.35 -24.33
N THR A 203 7.33 -7.54 -25.38
CA THR A 203 8.78 -7.52 -25.28
C THR A 203 9.37 -6.79 -26.47
N GLY A 204 10.61 -6.34 -26.31
CA GLY A 204 11.33 -5.62 -27.34
C GLY A 204 11.81 -4.28 -26.83
N SER A 205 12.36 -3.49 -27.76
CA SER A 205 12.89 -2.17 -27.45
C SER A 205 11.91 -1.10 -27.91
N ILE A 206 11.81 -0.03 -27.13
CA ILE A 206 10.98 1.11 -27.49
C ILE A 206 11.54 1.72 -28.78
N PRO A 207 10.73 1.87 -29.83
CA PRO A 207 11.27 2.38 -31.09
C PRO A 207 11.71 3.81 -30.96
N PRO A 208 12.67 4.25 -31.77
CA PRO A 208 13.09 5.66 -31.75
C PRO A 208 12.19 6.59 -32.55
N ALA A 209 11.12 6.08 -33.13
CA ALA A 209 10.23 6.88 -33.97
C ALA A 209 8.89 7.20 -33.33
N ILE A 210 8.56 6.59 -32.18
CA ILE A 210 7.29 6.87 -31.53
C ILE A 210 7.28 8.29 -30.97
N TRP A 211 8.45 8.85 -30.65
CA TRP A 211 8.55 10.21 -30.14
C TRP A 211 8.45 11.27 -31.24
N ASN A 212 8.00 10.90 -32.43
CA ASN A 212 7.92 11.82 -33.56
C ASN A 212 6.51 12.31 -33.85
N LEU A 213 5.49 11.73 -33.22
CA LEU A 213 4.11 12.14 -33.44
C LEU A 213 3.82 13.37 -32.59
N ALA A 214 3.60 14.51 -33.23
CA ALA A 214 3.38 15.77 -32.51
C ALA A 214 1.91 16.01 -32.18
N LYS A 215 1.26 14.98 -31.63
CA LYS A 215 -0.10 15.14 -31.13
C LYS A 215 -0.37 14.37 -29.85
N LEU A 216 0.64 13.71 -29.27
CA LEU A 216 0.42 12.89 -28.09
C LEU A 216 0.14 13.76 -26.87
N GLN A 217 -0.67 13.22 -25.96
CA GLN A 217 -0.97 13.87 -24.69
C GLN A 217 -0.81 12.97 -23.48
N THR A 218 -0.75 11.65 -23.67
CA THR A 218 -0.58 10.73 -22.55
C THR A 218 0.12 9.49 -23.07
N MET A 219 1.28 9.17 -22.49
CA MET A 219 2.04 7.98 -22.81
C MET A 219 2.15 7.13 -21.56
N ALA A 220 1.63 5.90 -21.63
CA ALA A 220 1.56 5.02 -20.45
C ALA A 220 1.87 3.59 -20.87
N LEU A 221 3.03 3.08 -20.45
CA LEU A 221 3.43 1.68 -20.63
C LEU A 221 3.88 1.18 -19.25
N PHE A 222 2.95 0.66 -18.46
CA PHE A 222 3.22 0.42 -17.05
C PHE A 222 4.05 -0.83 -16.82
N ALA A 223 3.51 -2.00 -17.16
CA ALA A 223 4.15 -3.25 -16.80
C ALA A 223 4.31 -4.09 -18.06
N ASN A 224 5.54 -4.26 -18.51
CA ASN A 224 5.83 -5.03 -19.71
C ASN A 224 7.20 -5.68 -19.53
N ASN A 225 7.77 -6.16 -20.63
CA ASN A 225 9.08 -6.79 -20.62
C ASN A 225 9.99 -6.12 -21.64
N PHE A 226 9.91 -4.80 -21.73
CA PHE A 226 10.77 -4.05 -22.64
C PHE A 226 12.22 -4.09 -22.16
N THR A 227 13.14 -4.15 -23.12
CA THR A 227 14.56 -4.18 -22.83
C THR A 227 15.27 -3.04 -23.57
N GLY A 228 16.60 -3.03 -23.50
CA GLY A 228 17.32 -1.94 -24.14
C GLY A 228 17.14 -0.64 -23.38
N GLY A 229 17.40 0.45 -24.09
CA GLY A 229 17.27 1.78 -23.51
C GLY A 229 16.56 2.72 -24.46
N VAL A 230 15.98 3.77 -23.88
CA VAL A 230 15.33 4.82 -24.66
C VAL A 230 16.39 5.52 -25.51
N VAL A 231 16.28 5.38 -26.82
CA VAL A 231 17.34 5.79 -27.74
C VAL A 231 16.83 6.90 -28.64
N VAL A 232 15.94 7.74 -28.11
CA VAL A 232 15.42 8.87 -28.88
C VAL A 232 16.59 9.70 -29.42
N ALA A 233 16.51 10.05 -30.70
CA ALA A 233 17.61 10.66 -31.41
C ALA A 233 17.36 12.16 -31.64
N ASP A 234 18.45 12.88 -31.86
CA ASP A 234 18.36 14.31 -32.15
C ASP A 234 17.72 14.55 -33.51
N GLY A 235 16.99 15.66 -33.61
CA GLY A 235 16.31 16.03 -34.84
C GLY A 235 14.98 15.34 -35.07
N ALA A 236 14.55 14.47 -34.16
CA ALA A 236 13.27 13.78 -34.28
C ALA A 236 12.29 14.11 -33.16
N PHE A 237 12.71 14.85 -32.14
CA PHE A 237 11.83 15.20 -31.04
C PHE A 237 10.88 16.31 -31.47
N SER A 238 9.59 16.00 -31.56
CA SER A 238 8.60 16.98 -31.97
C SER A 238 7.32 16.93 -31.14
N ALA A 239 7.26 16.06 -30.13
CA ALA A 239 6.06 15.95 -29.29
C ALA A 239 6.09 16.98 -28.16
N VAL A 240 6.08 18.24 -28.56
CA VAL A 240 6.10 19.34 -27.59
C VAL A 240 4.83 19.40 -26.76
N ASN A 241 3.73 18.85 -27.26
CA ASN A 241 2.46 18.85 -26.55
C ASN A 241 2.34 17.68 -25.58
N LEU A 242 3.35 16.83 -25.48
CA LEU A 242 3.29 15.69 -24.57
C LEU A 242 3.12 16.18 -23.13
N VAL A 243 2.17 15.57 -22.43
CA VAL A 243 1.83 15.97 -21.06
C VAL A 243 2.33 14.95 -20.05
N MET A 244 2.30 13.65 -20.39
CA MET A 244 2.59 12.60 -19.42
C MET A 244 3.45 11.53 -20.05
N ILE A 245 4.44 11.06 -19.30
CA ILE A 245 5.29 9.93 -19.68
C ILE A 245 5.33 8.98 -18.49
N ASP A 246 4.93 7.73 -18.69
CA ASP A 246 4.80 6.78 -17.59
C ASP A 246 5.41 5.43 -17.95
N LEU A 247 6.66 5.41 -18.41
CA LEU A 247 7.41 4.16 -18.46
C LEU A 247 7.70 3.81 -17.01
N SER A 248 6.89 2.93 -16.44
CA SER A 248 6.75 2.83 -15.00
C SER A 248 7.50 1.65 -14.39
N SER A 249 7.37 0.44 -14.93
CA SER A 249 7.98 -0.73 -14.29
C SER A 249 8.21 -1.79 -15.36
N ASN A 250 9.47 -1.92 -15.78
CA ASN A 250 9.88 -2.94 -16.73
C ASN A 250 11.03 -3.81 -16.24
N HIS A 251 11.79 -3.38 -15.23
CA HIS A 251 12.84 -4.14 -14.55
C HIS A 251 14.06 -4.38 -15.42
N ARG A 252 14.06 -3.97 -16.69
CA ARG A 252 15.19 -4.23 -17.57
C ARG A 252 15.60 -3.06 -18.45
N LEU A 253 14.97 -1.90 -18.30
CA LEU A 253 15.37 -0.73 -19.09
C LEU A 253 16.70 -0.19 -18.57
N SER A 254 17.65 0.02 -19.47
CA SER A 254 18.98 0.48 -19.13
C SER A 254 19.30 1.76 -19.90
N GLY A 255 20.55 2.20 -19.77
CA GLY A 255 21.00 3.39 -20.44
C GLY A 255 20.67 4.65 -19.66
N PRO A 256 21.30 5.77 -20.03
CA PRO A 256 21.02 7.03 -19.33
C PRO A 256 19.63 7.55 -19.66
N ILE A 257 19.11 8.35 -18.73
CA ILE A 257 17.82 9.01 -18.96
C ILE A 257 17.96 9.97 -20.14
N PRO A 258 17.03 9.97 -21.09
CA PRO A 258 17.19 10.82 -22.28
C PRO A 258 17.26 12.29 -21.92
N GLU A 259 18.10 13.02 -22.65
CA GLU A 259 18.28 14.44 -22.45
C GLU A 259 17.17 15.26 -23.09
N ALA A 260 16.29 14.64 -23.86
CA ALA A 260 15.20 15.34 -24.54
C ALA A 260 13.96 15.50 -23.67
N PHE A 261 14.00 15.00 -22.43
CA PHE A 261 12.88 15.13 -21.50
C PHE A 261 12.89 16.46 -20.77
N GLY A 262 13.89 17.31 -21.03
CA GLY A 262 13.97 18.60 -20.38
C GLY A 262 13.58 19.75 -21.30
N HIS A 263 12.82 19.44 -22.35
CA HIS A 263 12.38 20.47 -23.29
C HIS A 263 10.90 20.34 -23.60
N LEU A 264 10.11 19.88 -22.62
CA LEU A 264 8.66 19.77 -22.77
C LEU A 264 8.00 20.86 -21.92
N PRO A 265 7.44 21.91 -22.52
CA PRO A 265 6.85 22.99 -21.75
C PRO A 265 5.48 22.69 -21.17
N ASN A 266 5.01 21.45 -21.22
CA ASN A 266 3.72 21.08 -20.67
C ASN A 266 3.77 19.77 -19.89
N LEU A 267 4.95 19.21 -19.65
CA LEU A 267 5.06 17.98 -18.90
C LEU A 267 4.59 18.16 -17.47
N GLU A 268 3.81 17.20 -16.98
CA GLU A 268 3.23 17.29 -15.64
C GLU A 268 3.48 16.07 -14.78
N THR A 269 3.88 14.94 -15.34
CA THR A 269 4.10 13.72 -14.56
C THR A 269 5.15 12.88 -15.25
N LEU A 270 6.28 12.66 -14.59
CA LEU A 270 7.37 11.85 -15.12
C LEU A 270 7.63 10.70 -14.15
N ASN A 271 7.29 9.48 -14.56
CA ASN A 271 7.48 8.28 -13.76
C ASN A 271 8.37 7.32 -14.53
N LEU A 272 9.58 7.10 -14.01
CA LEU A 272 10.55 6.20 -14.64
C LEU A 272 11.24 5.33 -13.59
N TYR A 273 10.46 4.81 -12.65
CA TYR A 273 11.02 4.01 -11.57
C TYR A 273 11.08 2.53 -11.96
N PHE A 274 11.49 1.71 -10.99
CA PHE A 274 11.53 0.25 -11.12
C PHE A 274 12.21 -0.18 -12.42
N ASN A 275 13.38 0.42 -12.67
CA ASN A 275 14.17 0.11 -13.85
C ASN A 275 15.64 0.12 -13.45
N ASN A 276 16.52 0.03 -14.43
CA ASN A 276 17.96 0.03 -14.20
C ASN A 276 18.63 1.15 -14.98
N PHE A 277 18.01 2.34 -14.97
CA PHE A 277 18.61 3.50 -15.60
C PHE A 277 19.88 3.88 -14.88
N SER A 278 20.87 4.35 -15.63
CA SER A 278 22.14 4.76 -15.05
C SER A 278 22.49 6.18 -15.47
N GLY A 279 23.68 6.65 -15.11
CA GLY A 279 24.11 7.98 -15.45
C GLY A 279 23.51 9.04 -14.56
N GLU A 280 23.91 10.27 -14.82
CA GLU A 280 23.45 11.42 -14.04
C GLU A 280 22.06 11.86 -14.50
N ILE A 281 21.22 12.22 -13.54
CA ILE A 281 19.93 12.82 -13.89
C ILE A 281 20.17 14.11 -14.66
N PRO A 282 19.57 14.30 -15.83
CA PRO A 282 19.85 15.51 -16.62
C PRO A 282 19.51 16.78 -15.85
N ALA A 283 20.41 17.76 -15.92
CA ALA A 283 20.17 19.05 -15.29
C ALA A 283 19.15 19.88 -16.05
N SER A 284 18.74 19.44 -17.24
CA SER A 284 17.80 20.22 -18.03
C SER A 284 16.42 20.27 -17.39
N ILE A 285 16.04 19.25 -16.63
CA ILE A 285 14.75 19.29 -15.94
C ILE A 285 14.94 19.96 -14.58
N GLY A 286 15.02 21.28 -14.59
CA GLY A 286 14.95 22.06 -13.38
C GLY A 286 14.38 23.44 -13.65
N ARG A 287 13.77 23.59 -14.83
CA ARG A 287 13.30 24.88 -15.31
C ARG A 287 11.95 24.74 -16.00
N LEU A 288 11.47 23.52 -16.21
CA LEU A 288 10.15 23.28 -16.80
C LEU A 288 9.09 23.86 -15.88
N PRO A 289 8.39 24.92 -16.28
CA PRO A 289 7.39 25.52 -15.38
C PRO A 289 6.04 24.82 -15.48
N SER A 290 6.07 23.49 -15.59
CA SER A 290 4.85 22.70 -15.55
C SER A 290 4.96 21.43 -14.72
N LEU A 291 6.16 21.02 -14.34
CA LEU A 291 6.35 19.74 -13.66
C LEU A 291 5.66 19.73 -12.30
N VAL A 292 4.97 18.64 -12.01
CA VAL A 292 4.28 18.49 -10.73
C VAL A 292 4.71 17.23 -9.98
N THR A 293 5.16 16.18 -10.66
CA THR A 293 5.51 14.93 -9.99
C THR A 293 6.72 14.32 -10.69
N LEU A 294 7.76 14.04 -9.91
CA LEU A 294 8.98 13.39 -10.40
C LEU A 294 9.24 12.18 -9.51
N SER A 295 9.13 10.99 -10.09
CA SER A 295 9.23 9.74 -9.34
C SER A 295 10.25 8.82 -10.01
N LEU A 296 11.32 8.51 -9.28
CA LEU A 296 12.38 7.63 -9.77
C LEU A 296 12.78 6.64 -8.67
N PHE A 297 11.77 5.96 -8.09
CA PHE A 297 11.96 5.21 -6.84
C PHE A 297 13.25 4.41 -6.81
N ARG A 298 13.38 3.42 -7.68
CA ARG A 298 14.50 2.49 -7.60
C ARG A 298 15.20 2.43 -8.95
N ASN A 299 16.49 2.78 -8.96
CA ASN A 299 17.31 2.77 -10.17
C ASN A 299 18.77 2.67 -9.73
N ARG A 300 19.67 2.91 -10.67
CA ARG A 300 21.11 2.99 -10.39
C ARG A 300 21.67 4.33 -10.85
N LEU A 301 20.92 5.41 -10.64
CA LEU A 301 21.34 6.74 -11.06
C LEU A 301 22.43 7.25 -10.14
N THR A 302 23.48 7.81 -10.73
CA THR A 302 24.57 8.45 -10.01
C THR A 302 24.54 9.95 -10.28
N GLY A 303 25.54 10.66 -9.75
CA GLY A 303 25.63 12.09 -9.99
C GLY A 303 25.04 12.92 -8.86
N ARG A 304 24.13 13.82 -9.19
CA ARG A 304 23.53 14.70 -8.20
C ARG A 304 22.15 15.14 -8.68
N LEU A 305 21.34 15.61 -7.74
CA LEU A 305 20.08 16.23 -8.08
C LEU A 305 20.33 17.52 -8.85
N PRO A 306 19.44 17.89 -9.76
CA PRO A 306 19.60 19.15 -10.49
C PRO A 306 19.68 20.33 -9.55
N PRO A 307 20.58 21.29 -9.81
CA PRO A 307 20.75 22.43 -8.88
C PRO A 307 19.49 23.27 -8.77
N ASP A 308 18.95 23.71 -9.91
CA ASP A 308 17.73 24.50 -9.94
C ASP A 308 16.54 23.56 -9.92
N LEU A 309 15.65 23.73 -8.95
CA LEU A 309 14.42 22.93 -8.90
C LEU A 309 13.40 23.70 -8.08
N GLY A 310 12.44 24.32 -8.76
CA GLY A 310 11.42 25.11 -8.10
C GLY A 310 11.80 26.53 -7.77
N LYS A 311 12.89 27.05 -8.33
CA LYS A 311 13.29 28.43 -8.07
C LYS A 311 12.22 29.41 -8.56
N ASN A 312 11.59 29.09 -9.70
CA ASN A 312 10.51 29.93 -10.22
C ASN A 312 9.39 30.06 -9.19
N SER A 313 8.96 31.29 -8.95
CA SER A 313 7.90 31.55 -7.97
C SER A 313 6.53 31.14 -8.46
N SER A 314 6.33 31.06 -9.77
CA SER A 314 5.06 30.64 -10.36
C SER A 314 5.31 29.29 -11.06
N ALA A 315 5.16 28.22 -10.29
CA ALA A 315 5.40 26.87 -10.81
C ALA A 315 4.37 25.95 -10.16
N GLY A 316 4.56 24.64 -10.32
CA GLY A 316 3.64 23.67 -9.78
C GLY A 316 4.31 22.44 -9.21
N LEU A 317 5.59 22.55 -8.87
CA LEU A 317 6.33 21.42 -8.31
C LEU A 317 5.84 21.14 -6.89
N MET A 318 5.29 19.94 -6.68
CA MET A 318 4.79 19.56 -5.36
C MET A 318 5.23 18.19 -4.90
N TYR A 319 5.85 17.36 -5.76
CA TYR A 319 6.22 16.01 -5.36
C TYR A 319 7.58 15.65 -5.94
N ILE A 320 8.48 15.19 -5.07
CA ILE A 320 9.77 14.64 -5.47
C ILE A 320 9.96 13.33 -4.71
N ASP A 321 10.35 12.27 -5.43
CA ASP A 321 10.46 10.96 -4.80
C ASP A 321 11.57 10.17 -5.50
N VAL A 322 12.74 10.12 -4.87
CA VAL A 322 13.85 9.28 -5.31
C VAL A 322 14.26 8.47 -4.08
N ASP A 323 13.73 7.26 -3.97
CA ASP A 323 13.76 6.50 -2.72
C ASP A 323 14.93 5.53 -2.60
N ASP A 324 15.59 5.18 -3.70
CA ASP A 324 16.70 4.25 -3.64
C ASP A 324 17.56 4.44 -4.88
N ASN A 325 18.75 5.03 -4.71
CA ASN A 325 19.64 5.31 -5.82
C ASN A 325 21.05 5.51 -5.26
N GLU A 326 21.96 5.98 -6.10
CA GLU A 326 23.33 6.29 -5.72
C GLU A 326 23.64 7.77 -5.88
N ILE A 327 22.61 8.62 -5.73
CA ILE A 327 22.78 10.04 -5.94
C ILE A 327 23.60 10.65 -4.81
N SER A 328 24.44 11.61 -5.17
CA SER A 328 25.28 12.32 -4.21
C SER A 328 25.01 13.82 -4.36
N GLY A 329 25.82 14.63 -3.70
CA GLY A 329 25.68 16.07 -3.80
C GLY A 329 24.94 16.70 -2.63
N ALA A 330 24.19 17.77 -2.89
CA ALA A 330 23.47 18.50 -1.86
C ALA A 330 22.03 18.71 -2.28
N ILE A 331 21.16 18.88 -1.28
CA ILE A 331 19.74 19.14 -1.55
C ILE A 331 19.61 20.48 -2.26
N PRO A 332 18.75 20.61 -3.28
CA PRO A 332 18.57 21.90 -3.93
C PRO A 332 18.12 22.97 -2.96
N GLU A 333 18.61 24.20 -3.19
CA GLU A 333 18.37 25.28 -2.24
C GLU A 333 16.93 25.77 -2.31
N GLY A 334 16.52 26.28 -3.47
CA GLY A 334 15.19 26.86 -3.62
C GLY A 334 14.13 25.86 -4.05
N LEU A 335 13.79 24.92 -3.18
CA LEU A 335 12.77 23.93 -3.50
C LEU A 335 11.37 24.52 -3.39
N CYS A 336 11.02 25.01 -2.19
CA CYS A 336 9.69 25.56 -1.95
C CYS A 336 9.75 27.08 -2.05
N ALA A 337 9.74 27.57 -3.29
CA ALA A 337 9.63 29.00 -3.56
C ALA A 337 8.24 29.40 -4.01
N ASN A 338 7.51 28.50 -4.67
CA ASN A 338 6.15 28.80 -5.08
C ASN A 338 5.19 28.77 -3.89
N GLY A 339 5.46 27.95 -2.89
CA GLY A 339 4.63 27.87 -1.71
C GLY A 339 3.64 26.74 -1.66
N LYS A 340 3.80 25.70 -2.50
CA LYS A 340 2.91 24.55 -2.49
C LYS A 340 3.66 23.23 -2.40
N PHE A 341 4.95 23.24 -2.06
CA PHE A 341 5.71 22.01 -1.95
C PHE A 341 5.16 21.15 -0.81
N GLN A 342 5.09 19.84 -1.05
CA GLN A 342 4.41 18.96 -0.10
C GLN A 342 5.13 17.65 0.20
N SER A 343 6.26 17.37 -0.44
CA SER A 343 6.90 16.07 -0.23
C SER A 343 8.32 16.11 -0.74
N LEU A 344 9.18 15.30 -0.11
CA LEU A 344 10.56 15.11 -0.55
C LEU A 344 11.06 13.80 0.05
N ILE A 345 11.37 12.83 -0.80
CA ILE A 345 11.81 11.51 -0.37
C ILE A 345 13.15 11.22 -1.02
N ALA A 346 14.20 11.08 -0.20
CA ALA A 346 15.54 10.77 -0.70
C ALA A 346 16.22 9.75 0.19
N ARG A 347 15.50 8.70 0.58
CA ARG A 347 16.08 7.68 1.44
C ARG A 347 17.14 6.86 0.70
N ASN A 348 18.05 6.27 1.49
CA ASN A 348 19.06 5.35 1.00
C ASN A 348 19.83 5.93 -0.18
N ASN A 349 20.51 7.05 0.10
CA ASN A 349 21.30 7.75 -0.90
C ASN A 349 22.62 8.16 -0.25
N ARG A 350 23.39 8.98 -0.96
CA ARG A 350 24.67 9.45 -0.45
C ARG A 350 24.79 10.96 -0.54
N LEU A 351 23.66 11.67 -0.44
CA LEU A 351 23.70 13.13 -0.35
C LEU A 351 24.28 13.55 0.99
N ASN A 352 25.04 14.64 0.99
CA ASN A 352 25.54 15.18 2.25
C ASN A 352 25.33 16.69 2.24
N GLY A 353 25.47 17.30 3.42
CA GLY A 353 25.30 18.72 3.56
C GLY A 353 24.51 19.09 4.79
N SER A 354 23.42 19.83 4.59
CA SER A 354 22.55 20.22 5.69
C SER A 354 21.17 20.54 5.14
N ILE A 355 20.19 20.59 6.02
CA ILE A 355 18.83 20.92 5.63
C ILE A 355 18.79 22.37 5.19
N PRO A 356 18.34 22.65 3.96
CA PRO A 356 18.31 24.05 3.50
C PRO A 356 17.34 24.89 4.31
N ALA A 357 17.67 26.18 4.45
CA ALA A 357 16.81 27.08 5.19
C ALA A 357 15.46 27.28 4.49
N GLY A 358 15.43 27.19 3.16
CA GLY A 358 14.18 27.33 2.45
C GLY A 358 13.21 26.19 2.72
N LEU A 359 13.73 24.96 2.80
CA LEU A 359 12.87 23.81 3.07
C LEU A 359 12.31 23.81 4.48
N ALA A 360 13.01 24.42 5.44
CA ALA A 360 12.57 24.45 6.82
C ALA A 360 11.54 25.53 7.11
N SER A 361 11.22 26.38 6.13
CA SER A 361 10.24 27.45 6.31
C SER A 361 9.05 27.32 5.37
N CYS A 362 9.00 26.29 4.54
CA CYS A 362 7.88 26.09 3.62
C CYS A 362 6.65 25.63 4.39
N ALA A 363 5.68 26.53 4.57
CA ALA A 363 4.50 26.21 5.36
C ALA A 363 3.45 25.50 4.52
N THR A 364 3.85 24.48 3.77
CA THR A 364 2.94 23.62 3.04
C THR A 364 3.37 22.15 3.11
N LEU A 365 4.50 21.86 3.74
CA LEU A 365 5.08 20.52 3.71
C LEU A 365 4.12 19.50 4.31
N ASN A 366 4.25 18.26 3.84
CA ASN A 366 3.43 17.17 4.35
C ASN A 366 4.24 15.95 4.74
N ASN A 367 5.32 15.63 4.00
CA ASN A 367 6.02 14.37 4.20
C ASN A 367 7.49 14.56 3.81
N LEU A 368 8.37 14.58 4.80
CA LEU A 368 9.81 14.61 4.59
C LEU A 368 10.40 13.26 4.97
N MET A 369 11.11 12.63 4.03
CA MET A 369 11.56 11.26 4.21
C MET A 369 13.03 11.11 3.80
N LEU A 370 13.88 12.02 4.28
CA LEU A 370 15.32 11.86 4.09
C LEU A 370 15.87 10.91 5.15
N GLY A 371 16.67 9.95 4.72
CA GLY A 371 17.20 8.97 5.66
C GLY A 371 18.32 8.16 5.02
N ASN A 372 19.13 7.56 5.89
CA ASN A 372 20.25 6.71 5.56
C ASN A 372 21.29 7.41 4.68
N ASN A 373 21.27 8.74 4.62
CA ASN A 373 22.25 9.50 3.86
C ASN A 373 23.41 9.88 4.79
N GLN A 374 24.28 10.76 4.32
CA GLN A 374 25.43 11.24 5.09
C GLN A 374 25.31 12.72 5.37
N LEU A 375 24.11 13.18 5.72
CA LEU A 375 23.89 14.58 6.03
C LEU A 375 24.59 14.97 7.33
N SER A 376 24.81 16.26 7.50
CA SER A 376 25.49 16.79 8.66
C SER A 376 24.92 18.17 8.97
N GLY A 377 25.64 18.94 9.79
CA GLY A 377 25.21 20.27 10.14
C GLY A 377 24.16 20.27 11.23
N GLU A 378 23.45 21.40 11.33
CA GLU A 378 22.43 21.60 12.34
C GLU A 378 21.09 21.88 11.67
N VAL A 379 20.05 21.21 12.15
CA VAL A 379 18.71 21.40 11.62
C VAL A 379 18.16 22.74 12.14
N PRO A 380 17.67 23.61 11.27
CA PRO A 380 17.10 24.88 11.75
C PRO A 380 15.91 24.65 12.66
N GLU A 381 15.79 25.51 13.68
CA GLU A 381 14.73 25.36 14.68
C GLU A 381 13.35 25.64 14.11
N ALA A 382 13.24 26.23 12.93
CA ALA A 382 11.94 26.55 12.34
C ALA A 382 11.28 25.36 11.68
N LEU A 383 12.00 24.26 11.47
CA LEU A 383 11.42 23.09 10.82
C LEU A 383 10.31 22.45 11.63
N TRP A 384 10.33 22.60 12.95
CA TRP A 384 9.36 21.96 13.82
C TRP A 384 8.17 22.87 14.18
N THR A 385 8.20 24.14 13.76
CA THR A 385 7.16 25.08 14.16
C THR A 385 6.32 25.57 12.98
N VAL A 386 6.94 26.12 11.95
CA VAL A 386 6.20 26.74 10.85
C VAL A 386 5.57 25.69 9.94
N PRO A 387 6.33 24.77 9.34
CA PRO A 387 5.72 23.85 8.37
C PRO A 387 4.88 22.79 9.06
N GLN A 388 3.76 22.45 8.42
CA GLN A 388 3.02 21.25 8.81
C GLN A 388 3.88 20.03 8.49
N LEU A 389 3.80 19.02 9.37
CA LEU A 389 4.62 17.83 9.20
C LEU A 389 3.93 16.66 9.90
N GLU A 390 3.69 15.59 9.15
CA GLU A 390 3.06 14.40 9.69
C GLU A 390 3.93 13.15 9.60
N TYR A 391 5.05 13.20 8.87
CA TYR A 391 5.92 12.04 8.73
C TYR A 391 7.35 12.54 8.57
N VAL A 392 8.17 12.36 9.61
CA VAL A 392 9.58 12.69 9.58
C VAL A 392 10.37 11.42 9.84
N LEU A 393 11.29 11.09 8.93
CA LEU A 393 12.03 9.83 8.97
C LEU A 393 13.53 10.08 8.82
N LEU A 394 14.05 11.07 9.56
CA LEU A 394 15.47 11.39 9.50
C LEU A 394 16.28 10.39 10.33
N ARG A 395 16.72 9.30 9.71
CA ARG A 395 17.39 8.20 10.40
C ARG A 395 18.81 8.04 9.88
N ASN A 396 19.72 7.66 10.77
CA ASN A 396 21.09 7.27 10.40
C ASN A 396 21.86 8.41 9.73
N ASN A 397 21.74 9.60 10.27
CA ASN A 397 22.50 10.76 9.81
C ASN A 397 23.38 11.30 10.95
N ARG A 398 24.11 12.37 10.66
CA ARG A 398 24.95 13.05 11.63
C ARG A 398 24.42 14.43 11.97
N LEU A 399 23.09 14.59 11.93
CA LEU A 399 22.46 15.87 12.19
C LEU A 399 22.51 16.21 13.67
N SER A 400 22.27 17.49 13.96
CA SER A 400 22.25 17.98 15.34
C SER A 400 21.19 19.07 15.44
N GLY A 401 20.72 19.29 16.65
CA GLY A 401 19.70 20.32 16.87
C GLY A 401 19.07 20.20 18.24
N SER A 402 17.85 20.73 18.34
CA SER A 402 17.12 20.72 19.61
C SER A 402 15.64 20.84 19.31
N LEU A 403 14.87 19.84 19.71
CA LEU A 403 13.42 19.88 19.49
C LEU A 403 12.78 20.93 20.38
N PRO A 404 11.68 21.54 19.92
CA PRO A 404 10.98 22.54 20.73
C PRO A 404 10.19 21.89 21.86
N VAL A 405 9.68 22.73 22.76
CA VAL A 405 8.90 22.24 23.88
C VAL A 405 7.60 21.60 23.40
N LYS A 406 6.92 22.25 22.46
CA LYS A 406 5.66 21.75 21.91
C LYS A 406 5.82 21.52 20.42
N MET A 407 5.43 20.33 19.96
CA MET A 407 5.51 19.97 18.56
C MET A 407 4.17 20.28 17.87
N PHE A 408 4.11 19.97 16.57
CA PHE A 408 2.92 20.24 15.80
C PHE A 408 1.75 19.36 16.25
N ILE A 409 0.54 19.88 16.06
CA ILE A 409 -0.67 19.19 16.52
C ILE A 409 -1.01 17.96 15.69
N ASN A 410 -0.37 17.78 14.53
CA ASN A 410 -0.70 16.67 13.64
C ASN A 410 0.51 15.79 13.32
N LEU A 411 1.60 15.93 14.07
CA LEU A 411 2.73 15.04 13.91
C LEU A 411 2.37 13.65 14.42
N SER A 412 2.66 12.63 13.61
CA SER A 412 2.24 11.27 13.95
C SER A 412 3.33 10.23 13.76
N THR A 413 4.52 10.61 13.30
CA THR A 413 5.60 9.66 13.09
C THR A 413 6.92 10.40 13.16
N LEU A 414 7.83 9.94 14.02
CA LEU A 414 9.12 10.60 14.22
C LEU A 414 10.18 9.54 14.42
N HIS A 415 11.06 9.38 13.43
CA HIS A 415 12.19 8.45 13.50
C HIS A 415 13.48 9.26 13.33
N ILE A 416 14.14 9.54 14.45
CA ILE A 416 15.40 10.29 14.43
C ILE A 416 16.50 9.46 15.07
N GLU A 417 16.43 8.14 14.92
CA GLU A 417 17.41 7.26 15.54
C GLU A 417 18.79 7.45 14.90
N ASN A 418 19.81 7.15 15.70
CA ASN A 418 21.22 7.19 15.28
C ASN A 418 21.59 8.58 14.75
N ASN A 419 21.35 9.58 15.59
CA ASN A 419 21.71 10.97 15.28
C ASN A 419 22.43 11.59 16.46
N GLN A 420 22.68 12.90 16.39
CA GLN A 420 23.34 13.64 17.46
C GLN A 420 22.48 14.79 17.94
N PHE A 421 21.17 14.55 18.08
CA PHE A 421 20.27 15.57 18.57
C PHE A 421 20.49 15.82 20.06
N GLY A 422 20.29 17.06 20.46
CA GLY A 422 20.46 17.45 21.86
C GLY A 422 19.21 18.05 22.45
N GLY A 423 19.37 18.82 23.53
CA GLY A 423 18.23 19.45 24.16
C GLY A 423 17.48 18.52 25.11
N ASN A 424 16.21 18.83 25.31
CA ASN A 424 15.36 18.06 26.21
C ASN A 424 14.22 17.41 25.43
N ILE A 425 13.60 16.42 26.06
CA ILE A 425 12.50 15.68 25.43
C ILE A 425 11.28 16.60 25.35
N PRO A 426 10.59 16.66 24.21
CA PRO A 426 9.37 17.48 24.13
C PRO A 426 8.33 17.01 25.12
N ALA A 427 7.59 17.97 25.68
CA ALA A 427 6.61 17.69 26.72
C ALA A 427 5.18 17.57 26.19
N ALA A 428 4.93 17.93 24.92
CA ALA A 428 3.58 17.87 24.37
C ALA A 428 3.68 17.73 22.85
N ALA A 429 3.30 16.56 22.35
CA ALA A 429 3.31 16.28 20.91
C ALA A 429 2.02 15.57 20.51
N VAL A 430 0.88 16.15 20.90
CA VAL A 430 -0.44 15.57 20.71
C VAL A 430 -0.61 15.06 19.29
N GLY A 431 -1.05 13.81 19.15
CA GLY A 431 -1.19 13.17 17.86
C GLY A 431 -0.04 12.25 17.47
N LEU A 432 1.02 12.20 18.28
CA LEU A 432 2.14 11.33 17.98
C LEU A 432 1.79 9.88 18.27
N ARG A 433 2.27 8.97 17.42
CA ARG A 433 2.02 7.55 17.58
C ARG A 433 3.27 6.69 17.49
N GLU A 434 4.42 7.27 17.17
CA GLU A 434 5.67 6.50 17.06
C GLU A 434 6.82 7.46 17.33
N PHE A 435 7.38 7.39 18.53
CA PHE A 435 8.52 8.20 18.95
C PHE A 435 9.71 7.25 19.14
N ILE A 436 10.46 7.04 18.07
CA ILE A 436 11.64 6.19 18.09
C ILE A 436 12.87 7.09 17.94
N ALA A 437 13.69 7.14 18.98
CA ALA A 437 14.87 8.02 18.98
C ALA A 437 15.91 7.39 19.90
N GLY A 438 16.90 6.72 19.31
CA GLY A 438 17.94 6.06 20.07
C GLY A 438 19.32 6.51 19.63
N ASN A 439 20.29 6.26 20.50
CA ASN A 439 21.70 6.59 20.25
C ASN A 439 21.89 8.08 19.98
N ASN A 440 21.04 8.90 20.58
CA ASN A 440 21.11 10.34 20.45
C ASN A 440 21.89 10.94 21.62
N ASN A 441 21.89 12.27 21.71
CA ASN A 441 22.56 12.99 22.79
C ASN A 441 21.59 13.75 23.68
N PHE A 442 20.36 13.26 23.81
CA PHE A 442 19.39 13.90 24.69
C PHE A 442 19.86 13.84 26.14
N SER A 443 19.55 14.89 26.88
CA SER A 443 19.97 15.00 28.27
C SER A 443 18.86 15.67 29.08
N GLY A 444 19.08 15.76 30.39
CA GLY A 444 18.11 16.37 31.28
C GLY A 444 17.03 15.39 31.72
N GLU A 445 16.28 15.80 32.73
CA GLU A 445 15.20 14.99 33.25
C GLU A 445 14.07 14.89 32.23
N MET A 446 13.46 13.71 32.17
CA MET A 446 12.32 13.51 31.28
C MET A 446 11.14 14.36 31.76
N PRO A 447 10.27 14.78 30.84
CA PRO A 447 9.16 15.66 31.23
C PRO A 447 8.25 15.02 32.26
N ALA A 448 7.69 15.86 33.12
CA ALA A 448 6.97 15.36 34.29
C ALA A 448 5.76 14.53 33.91
N SER A 449 4.91 15.05 33.02
CA SER A 449 3.66 14.35 32.71
C SER A 449 3.87 13.25 31.68
N LEU A 450 4.22 13.61 30.45
CA LEU A 450 4.41 12.67 29.34
C LEU A 450 3.27 11.66 29.22
N GLY A 451 2.07 12.02 29.70
CA GLY A 451 0.94 11.12 29.64
C GLY A 451 -0.33 11.83 29.22
N LYS A 452 -0.26 13.15 29.10
CA LYS A 452 -1.35 13.96 28.59
C LYS A 452 -1.00 14.73 27.33
N GLY A 453 0.28 14.95 27.06
CA GLY A 453 0.71 15.58 25.84
C GLY A 453 0.90 14.58 24.71
N MET A 454 1.08 13.31 25.05
CA MET A 454 1.16 12.22 24.08
C MET A 454 0.26 11.08 24.52
N PRO A 455 -1.06 11.25 24.41
CA PRO A 455 -1.99 10.18 24.80
C PRO A 455 -2.17 9.11 23.73
N LEU A 456 -1.57 9.27 22.56
CA LEU A 456 -1.74 8.33 21.45
C LEU A 456 -0.46 7.59 21.10
N LEU A 457 0.54 7.61 22.00
CA LEU A 457 1.80 6.93 21.71
C LEU A 457 1.61 5.43 21.65
N GLN A 458 2.27 4.79 20.68
CA GLN A 458 2.20 3.34 20.52
C GLN A 458 3.54 2.64 20.63
N ALA A 459 4.65 3.37 20.49
CA ALA A 459 5.98 2.76 20.58
C ALA A 459 6.98 3.85 20.91
N MET A 460 7.71 3.69 22.02
CA MET A 460 8.71 4.65 22.45
C MET A 460 10.05 3.94 22.65
N ASN A 461 11.12 4.56 22.17
CA ASN A 461 12.47 4.02 22.30
C ASN A 461 13.42 5.18 22.55
N LEU A 462 14.13 5.13 23.68
CA LEU A 462 15.09 6.18 24.03
C LEU A 462 16.40 5.57 24.54
N SER A 463 16.78 4.41 24.03
CA SER A 463 18.01 3.76 24.46
C SER A 463 19.24 4.53 23.97
N GLY A 464 20.30 4.48 24.76
CA GLY A 464 21.56 5.07 24.39
C GLY A 464 21.70 6.56 24.68
N ASN A 465 20.67 7.19 25.24
CA ASN A 465 20.72 8.62 25.52
C ASN A 465 21.48 8.87 26.82
N GLN A 466 21.47 10.11 27.29
CA GLN A 466 22.13 10.50 28.54
C GLN A 466 21.15 11.06 29.55
N LEU A 467 19.87 10.68 29.45
CA LEU A 467 18.86 11.17 30.38
C LEU A 467 19.13 10.67 31.80
N PHE A 468 18.84 11.52 32.77
CA PHE A 468 18.93 11.18 34.18
C PHE A 468 17.64 11.59 34.87
N GLY A 469 17.55 11.31 36.17
CA GLY A 469 16.37 11.63 36.92
C GLY A 469 15.59 10.40 37.36
N GLY A 470 14.28 10.40 37.09
CA GLY A 470 13.45 9.28 37.47
C GLY A 470 12.38 9.01 36.43
N ILE A 471 11.85 7.79 36.48
CA ILE A 471 10.79 7.40 35.54
C ILE A 471 9.49 8.09 35.95
N PRO A 472 8.82 8.80 35.03
CA PRO A 472 7.57 9.46 35.40
C PRO A 472 6.50 8.46 35.81
N SER A 473 5.69 8.86 36.79
CA SER A 473 4.60 8.01 37.25
C SER A 473 3.38 8.03 36.34
N SER A 474 3.32 8.97 35.40
CA SER A 474 2.21 9.08 34.48
C SER A 474 2.38 8.22 33.23
N VAL A 475 3.54 7.57 33.07
CA VAL A 475 3.75 6.68 31.93
C VAL A 475 2.73 5.55 31.92
N ALA A 476 2.27 5.13 33.10
CA ALA A 476 1.26 4.08 33.20
C ALA A 476 -0.10 4.52 32.67
N LYS A 477 -0.30 5.82 32.41
CA LYS A 477 -1.56 6.33 31.90
C LYS A 477 -1.66 6.27 30.37
N LEU A 478 -0.62 5.79 29.69
CA LEU A 478 -0.65 5.64 28.24
C LEU A 478 -1.35 4.32 27.92
N ARG A 479 -2.58 4.41 27.42
CA ARG A 479 -3.42 3.22 27.23
C ARG A 479 -2.81 2.27 26.21
N LEU A 480 -2.73 2.71 24.95
CA LEU A 480 -2.37 1.82 23.85
C LEU A 480 -0.89 1.96 23.52
N LEU A 481 -0.06 1.50 24.45
CA LEU A 481 1.38 1.45 24.27
C LEU A 481 1.84 0.00 24.29
N THR A 482 2.62 -0.40 23.28
CA THR A 482 3.07 -1.78 23.13
C THR A 482 4.55 -1.97 23.40
N GLN A 483 5.39 -1.03 22.99
CA GLN A 483 6.84 -1.17 23.14
C GLN A 483 7.40 0.00 23.93
N LEU A 484 8.33 -0.31 24.84
CA LEU A 484 9.02 0.69 25.64
C LEU A 484 10.49 0.29 25.76
N ASP A 485 11.35 1.30 25.83
CA ASP A 485 12.80 1.04 25.91
C ASP A 485 13.47 2.28 26.47
N LEU A 486 14.11 2.14 27.63
CA LEU A 486 14.88 3.22 28.24
C LEU A 486 16.21 2.66 28.76
N SER A 487 16.86 1.82 27.97
CA SER A 487 18.10 1.16 28.39
C SER A 487 19.31 2.03 28.09
N ARG A 488 20.45 1.62 28.66
CA ARG A 488 21.74 2.29 28.48
C ARG A 488 21.65 3.78 28.82
N ASN A 489 21.00 4.06 29.95
CA ASN A 489 20.87 5.43 30.44
C ASN A 489 21.38 5.53 31.87
N GLN A 490 21.18 6.67 32.51
CA GLN A 490 21.57 6.88 33.90
C GLN A 490 20.36 7.17 34.78
N LEU A 491 19.20 6.62 34.41
CA LEU A 491 17.99 6.82 35.19
C LEU A 491 18.12 6.17 36.56
N ALA A 492 17.54 6.82 37.57
CA ALA A 492 17.56 6.33 38.94
C ALA A 492 16.16 6.47 39.53
N GLY A 493 16.01 5.98 40.76
CA GLY A 493 14.74 6.08 41.44
C GLY A 493 14.04 4.75 41.62
N GLU A 494 12.72 4.73 41.42
CA GLU A 494 11.91 3.55 41.63
C GLU A 494 11.12 3.23 40.38
N ILE A 495 10.95 1.95 40.11
CA ILE A 495 10.05 1.52 39.02
C ILE A 495 8.61 1.83 39.40
N PRO A 496 7.82 2.44 38.52
CA PRO A 496 6.44 2.76 38.88
C PRO A 496 5.65 1.53 39.26
N ALA A 497 4.81 1.67 40.29
CA ALA A 497 4.00 0.56 40.76
C ALA A 497 2.77 0.31 39.90
N GLU A 498 2.38 1.29 39.08
CA GLU A 498 1.24 1.15 38.18
C GLU A 498 1.63 0.73 36.78
N LEU A 499 2.92 0.47 36.54
CA LEU A 499 3.37 0.06 35.21
C LEU A 499 2.79 -1.29 34.79
N GLY A 500 2.38 -2.11 35.74
CA GLY A 500 1.79 -3.40 35.47
C GLY A 500 0.29 -3.38 35.25
N ALA A 501 -0.33 -2.20 35.20
CA ALA A 501 -1.77 -2.09 35.06
C ALA A 501 -2.21 -1.61 33.68
N MET A 502 -1.26 -1.30 32.79
CA MET A 502 -1.64 -0.87 31.46
C MET A 502 -2.10 -2.06 30.62
N ARG A 503 -2.74 -1.75 29.48
CA ARG A 503 -3.47 -2.77 28.73
C ARG A 503 -2.54 -3.61 27.86
N VAL A 504 -1.84 -2.98 26.92
CA VAL A 504 -1.20 -3.73 25.84
C VAL A 504 0.31 -3.60 25.94
N LEU A 505 0.84 -3.52 27.16
CA LEU A 505 2.29 -3.55 27.32
C LEU A 505 2.82 -4.94 26.98
N SER A 506 3.76 -5.00 26.05
CA SER A 506 4.31 -6.29 25.61
C SER A 506 5.81 -6.28 25.39
N ALA A 507 6.52 -5.17 25.67
CA ALA A 507 7.95 -5.12 25.47
C ALA A 507 8.52 -4.07 26.41
N LEU A 508 9.30 -4.52 27.40
CA LEU A 508 9.87 -3.63 28.41
C LEU A 508 11.36 -3.92 28.53
N ASP A 509 12.20 -2.95 28.19
CA ASP A 509 13.65 -3.06 28.28
C ASP A 509 14.16 -1.92 29.15
N LEU A 510 14.72 -2.26 30.31
CA LEU A 510 15.24 -1.27 31.25
C LEU A 510 16.58 -1.71 31.79
N SER A 511 17.43 -2.24 30.91
CA SER A 511 18.72 -2.78 31.29
C SER A 511 19.78 -1.68 31.36
N SER A 512 20.87 -1.98 32.07
CA SER A 512 22.04 -1.11 32.22
C SER A 512 21.63 0.31 32.64
N ASN A 513 21.06 0.37 33.83
CA ASN A 513 20.59 1.63 34.41
C ASN A 513 21.05 1.68 35.87
N LYS A 514 20.56 2.66 36.61
CA LYS A 514 20.90 2.84 38.02
C LYS A 514 19.66 2.82 38.88
N LEU A 515 18.70 1.97 38.54
CA LEU A 515 17.48 1.83 39.30
C LEU A 515 17.69 0.96 40.53
N SER A 516 16.81 1.12 41.51
CA SER A 516 16.87 0.33 42.73
C SER A 516 15.47 0.18 43.30
N GLY A 517 15.26 -0.89 44.07
CA GLY A 517 14.00 -1.16 44.71
C GLY A 517 13.52 -2.57 44.44
N TYR A 518 12.23 -2.79 44.68
CA TYR A 518 11.62 -4.10 44.53
C TYR A 518 10.90 -4.20 43.20
N ILE A 519 10.94 -5.38 42.61
CA ILE A 519 10.22 -5.63 41.35
C ILE A 519 8.72 -5.57 41.61
N PRO A 520 7.96 -4.82 40.82
CA PRO A 520 6.50 -4.76 41.04
C PRO A 520 5.84 -6.11 40.79
N PRO A 521 5.03 -6.59 41.73
CA PRO A 521 4.31 -7.86 41.53
C PRO A 521 3.37 -7.82 40.32
N PRO A 522 2.50 -6.80 40.18
CA PRO A 522 1.54 -6.84 39.07
C PRO A 522 2.18 -6.81 37.69
N LEU A 523 3.49 -6.58 37.60
CA LEU A 523 4.20 -6.71 36.33
C LEU A 523 4.11 -8.14 35.78
N ALA A 524 3.88 -9.13 36.63
CA ALA A 524 3.79 -10.51 36.16
C ALA A 524 2.56 -10.73 35.28
N GLY A 525 1.44 -10.09 35.62
CA GLY A 525 0.20 -10.28 34.86
C GLY A 525 0.11 -9.43 33.61
N LEU A 526 1.03 -9.62 32.68
CA LEU A 526 1.07 -8.89 31.43
C LEU A 526 1.36 -9.86 30.29
N PRO A 527 0.94 -9.53 29.06
CA PRO A 527 1.28 -10.32 27.87
C PRO A 527 2.71 -10.06 27.37
N LEU A 528 3.66 -10.11 28.29
CA LEU A 528 5.05 -9.79 27.96
C LEU A 528 5.65 -10.85 27.04
N THR A 529 6.38 -10.38 26.04
CA THR A 529 7.14 -11.27 25.15
C THR A 529 8.63 -10.97 25.17
N PHE A 530 9.06 -9.92 25.87
CA PHE A 530 10.48 -9.59 26.01
C PHE A 530 10.65 -8.74 27.26
N LEU A 531 11.71 -9.02 28.01
CA LEU A 531 11.96 -8.31 29.25
C LEU A 531 13.41 -8.48 29.69
N ASN A 532 14.07 -7.37 30.06
CA ASN A 532 15.45 -7.44 30.55
C ASN A 532 15.64 -6.33 31.58
N LEU A 533 15.44 -6.68 32.85
CA LEU A 533 15.72 -5.77 33.97
C LEU A 533 17.05 -6.13 34.61
N SER A 534 18.10 -6.09 33.79
CA SER A 534 19.43 -6.53 34.20
C SER A 534 20.39 -5.36 34.30
N SER A 535 21.58 -5.65 34.83
CA SER A 535 22.65 -4.67 34.99
C SER A 535 22.16 -3.45 35.76
N ASN A 536 21.45 -3.70 36.86
CA ASN A 536 20.88 -2.64 37.67
C ASN A 536 21.31 -2.79 39.13
N GLN A 537 20.75 -1.97 40.01
CA GLN A 537 21.01 -2.03 41.43
C GLN A 537 19.73 -2.38 42.19
N LEU A 538 18.95 -3.31 41.64
CA LEU A 538 17.72 -3.74 42.27
C LEU A 538 18.00 -4.59 43.50
N ASP A 539 17.01 -4.64 44.39
CA ASP A 539 17.12 -5.37 45.65
C ASP A 539 15.87 -6.20 45.86
N GLY A 540 16.03 -7.27 46.65
CA GLY A 540 14.90 -8.08 47.07
C GLY A 540 14.89 -9.44 46.41
N GLN A 541 13.68 -9.94 46.15
CA GLN A 541 13.49 -11.25 45.56
C GLN A 541 12.63 -11.14 44.31
N VAL A 542 12.89 -12.02 43.35
CA VAL A 542 12.09 -12.05 42.12
C VAL A 542 10.68 -12.52 42.46
N PRO A 543 9.64 -11.79 42.06
CA PRO A 543 8.27 -12.21 42.36
C PRO A 543 7.93 -13.51 41.65
N ALA A 544 7.13 -14.36 42.30
CA ALA A 544 6.76 -15.65 41.75
C ALA A 544 5.99 -15.48 40.44
N GLY A 545 6.42 -16.21 39.42
CA GLY A 545 5.80 -16.14 38.11
C GLY A 545 6.77 -15.69 37.04
N LEU A 546 7.59 -14.69 37.37
CA LEU A 546 8.65 -14.25 36.47
C LEU A 546 9.96 -14.94 36.83
N ALA A 547 9.93 -16.27 36.95
CA ALA A 547 11.11 -17.02 37.33
C ALA A 547 11.30 -18.31 36.53
N THR A 548 10.43 -18.60 35.57
CA THR A 548 10.53 -19.82 34.79
C THR A 548 11.73 -19.74 33.84
N ALA A 549 11.93 -20.82 33.07
CA ALA A 549 13.06 -20.87 32.14
C ALA A 549 12.92 -19.87 31.01
N ALA A 550 11.72 -19.35 30.75
CA ALA A 550 11.54 -18.38 29.68
C ALA A 550 12.30 -17.09 29.97
N TYR A 551 12.22 -16.60 31.20
CA TYR A 551 12.91 -15.37 31.60
C TYR A 551 14.25 -15.72 32.26
N ASP A 552 15.15 -16.26 31.45
CA ASP A 552 16.44 -16.72 31.95
C ASP A 552 17.41 -15.54 32.08
N ARG A 553 17.71 -14.89 30.96
CA ARG A 553 18.67 -13.78 30.95
C ARG A 553 17.91 -12.46 31.06
N SER A 554 17.34 -12.24 32.23
CA SER A 554 16.58 -11.02 32.50
C SER A 554 17.07 -10.28 33.74
N PHE A 555 17.46 -11.01 34.79
CA PHE A 555 17.88 -10.39 36.06
C PHE A 555 19.34 -10.60 36.37
N LEU A 556 20.14 -11.08 35.41
CA LEU A 556 21.55 -11.29 35.65
C LEU A 556 22.27 -9.97 35.85
N GLY A 557 23.23 -9.97 36.76
CA GLY A 557 24.00 -8.77 37.07
C GLY A 557 23.49 -7.95 38.23
N ASN A 558 22.55 -8.47 39.02
CA ASN A 558 22.02 -7.75 40.17
C ASN A 558 22.57 -8.38 41.44
N PRO A 559 23.53 -7.74 42.12
CA PRO A 559 24.08 -8.35 43.34
C PRO A 559 23.06 -8.54 44.45
N GLY A 560 22.07 -7.66 44.55
CA GLY A 560 21.12 -7.73 45.65
C GLY A 560 19.83 -8.46 45.33
N LEU A 561 19.84 -9.28 44.30
CA LEU A 561 18.66 -10.02 43.86
C LEU A 561 18.86 -11.51 44.10
N CYS A 562 17.79 -12.17 44.55
CA CYS A 562 17.83 -13.61 44.81
C CYS A 562 16.46 -14.20 44.50
N HIS A 563 16.43 -15.52 44.35
CA HIS A 563 15.20 -16.25 44.09
C HIS A 563 14.98 -17.28 45.20
N ALA A 564 13.71 -17.50 45.54
CA ALA A 564 13.35 -18.45 46.58
C ALA A 564 13.17 -19.85 46.00
N TYR A 570 17.26 -22.27 37.50
CA TYR A 570 16.42 -21.86 36.38
C TYR A 570 16.85 -20.50 35.85
N LEU A 571 17.56 -19.74 36.68
CA LEU A 571 18.02 -18.41 36.33
C LEU A 571 19.54 -18.36 36.32
N THR A 572 20.09 -17.52 35.46
CA THR A 572 21.53 -17.35 35.33
C THR A 572 21.94 -16.02 35.97
N GLY A 573 22.95 -16.07 36.83
CA GLY A 573 23.45 -14.89 37.49
C GLY A 573 22.67 -14.44 38.70
N VAL A 574 21.64 -15.18 39.12
CA VAL A 574 20.82 -14.84 40.27
C VAL A 574 21.12 -15.84 41.38
N ARG A 575 21.43 -15.34 42.57
CA ARG A 575 21.73 -16.20 43.71
C ARG A 575 20.45 -16.71 44.36
N SER A 576 20.61 -17.42 45.47
CA SER A 576 19.49 -17.98 46.21
C SER A 576 19.35 -17.25 47.54
N CYS A 577 18.11 -16.96 47.92
CA CYS A 577 17.84 -16.22 49.15
C CYS A 577 18.19 -17.05 50.37
N ASN B 1 4.52 -5.68 -3.34
CA ASN B 1 5.01 -6.43 -2.17
C ASN B 1 3.97 -7.43 -1.70
N THR B 2 4.40 -8.70 -1.58
CA THR B 2 3.48 -9.75 -1.18
C THR B 2 2.98 -9.59 0.25
N GLU B 3 3.83 -9.09 1.14
CA GLU B 3 3.42 -8.89 2.54
C GLU B 3 2.29 -7.87 2.63
N GLY B 4 2.38 -6.77 1.87
CA GLY B 4 1.31 -5.79 1.86
C GLY B 4 0.01 -6.36 1.34
N ASP B 5 0.09 -7.17 0.27
CA ASP B 5 -1.12 -7.80 -0.26
C ASP B 5 -1.73 -8.77 0.74
N ALA B 6 -0.90 -9.54 1.44
CA ALA B 6 -1.42 -10.45 2.46
C ALA B 6 -2.10 -9.69 3.59
N LEU B 7 -1.48 -8.60 4.05
CA LEU B 7 -2.09 -7.82 5.12
C LEU B 7 -3.39 -7.16 4.66
N TYR B 8 -3.44 -6.69 3.41
CA TYR B 8 -4.67 -6.10 2.90
C TYR B 8 -5.77 -7.14 2.77
N SER B 9 -5.41 -8.36 2.34
CA SER B 9 -6.39 -9.44 2.28
C SER B 9 -6.90 -9.79 3.67
N LEU B 10 -6.01 -9.78 4.67
CA LEU B 10 -6.46 -9.95 6.05
C LEU B 10 -7.42 -8.84 6.46
N ARG B 11 -7.14 -7.61 6.04
CA ARG B 11 -8.02 -6.49 6.37
C ARG B 11 -9.40 -6.67 5.73
N GLN B 12 -9.44 -7.14 4.48
CA GLN B 12 -10.72 -7.30 3.80
C GLN B 12 -11.62 -8.33 4.48
N SER B 13 -11.02 -9.36 5.09
CA SER B 13 -11.78 -10.42 5.74
C SER B 13 -12.10 -10.09 7.20
N LEU B 14 -11.74 -8.90 7.66
CA LEU B 14 -11.98 -8.48 9.04
C LEU B 14 -12.86 -7.24 9.06
N LYS B 15 -13.87 -7.26 9.94
CA LYS B 15 -14.74 -6.12 10.15
C LYS B 15 -14.27 -5.36 11.39
N ASP B 16 -14.16 -4.04 11.26
CA ASP B 16 -13.71 -3.18 12.35
C ASP B 16 -14.79 -2.16 12.69
N ALA B 17 -14.95 -1.90 13.99
CA ALA B 17 -15.97 -0.98 14.46
C ALA B 17 -15.42 0.45 14.59
N ASN B 18 -14.27 0.60 15.24
CA ASN B 18 -13.67 1.91 15.45
C ASN B 18 -12.59 2.25 14.43
N ASN B 19 -12.46 1.46 13.37
CA ASN B 19 -11.57 1.75 12.25
C ASN B 19 -10.11 1.88 12.69
N VAL B 20 -9.57 0.75 13.18
CA VAL B 20 -8.16 0.70 13.55
C VAL B 20 -7.25 0.36 12.37
N LEU B 21 -7.82 0.00 11.22
CA LEU B 21 -7.05 -0.31 10.02
C LEU B 21 -7.26 0.71 8.91
N GLN B 22 -7.50 1.97 9.28
CA GLN B 22 -7.80 3.00 8.30
C GLN B 22 -6.58 3.37 7.46
N SER B 23 -5.38 3.16 7.97
CA SER B 23 -4.16 3.60 7.31
C SER B 23 -3.50 2.51 6.47
N TRP B 24 -4.16 1.36 6.29
CA TRP B 24 -3.59 0.26 5.53
C TRP B 24 -3.86 0.48 4.04
N ASP B 25 -3.13 1.43 3.46
CA ASP B 25 -3.27 1.76 2.05
C ASP B 25 -2.58 0.70 1.20
N PRO B 26 -3.29 0.01 0.31
CA PRO B 26 -2.65 -1.03 -0.51
C PRO B 26 -1.74 -0.49 -1.60
N THR B 27 -1.83 0.79 -1.94
CA THR B 27 -1.03 1.35 -3.02
C THR B 27 0.43 1.56 -2.64
N LEU B 28 0.73 1.61 -1.34
CA LEU B 28 2.10 1.82 -0.91
C LEU B 28 2.98 0.62 -1.25
N VAL B 29 4.25 0.90 -1.53
CA VAL B 29 5.19 -0.16 -1.89
C VAL B 29 5.49 -1.03 -0.67
N ASN B 30 6.03 -0.41 0.39
CA ASN B 30 6.28 -1.20 1.58
C ASN B 30 5.24 -0.91 2.66
N PRO B 31 4.80 -1.91 3.40
CA PRO B 31 3.82 -1.69 4.47
C PRO B 31 4.42 -1.29 5.81
N CYS B 32 5.72 -0.98 5.86
CA CYS B 32 6.36 -0.63 7.12
C CYS B 32 5.85 0.70 7.66
N THR B 33 5.54 1.64 6.76
CA THR B 33 5.03 2.94 7.18
C THR B 33 3.62 2.87 7.73
N TRP B 34 2.93 1.73 7.59
CA TRP B 34 1.59 1.58 8.13
C TRP B 34 1.61 1.64 9.64
N PHE B 35 0.41 1.69 10.22
CA PHE B 35 0.26 1.62 11.67
C PHE B 35 0.06 0.17 12.09
N HIS B 36 0.41 -0.12 13.35
CA HIS B 36 0.31 -1.44 13.95
C HIS B 36 1.20 -2.47 13.24
N VAL B 37 2.22 -2.03 12.51
CA VAL B 37 3.14 -2.92 11.82
C VAL B 37 4.55 -2.42 12.08
N THR B 38 5.44 -3.31 12.52
CA THR B 38 6.82 -2.98 12.83
C THR B 38 7.75 -3.81 11.96
N CYS B 39 8.69 -3.14 11.32
CA CYS B 39 9.63 -3.76 10.38
C CYS B 39 11.04 -3.76 10.97
N ASN B 40 11.92 -4.50 10.32
CA ASN B 40 13.34 -4.48 10.62
C ASN B 40 14.03 -3.46 9.72
N THR B 41 15.37 -3.47 9.70
CA THR B 41 16.11 -2.51 8.90
C THR B 41 16.09 -2.84 7.41
N ASP B 42 15.61 -4.03 7.02
CA ASP B 42 15.58 -4.45 5.63
C ASP B 42 14.17 -4.38 5.03
N ASN B 43 13.26 -3.64 5.64
CA ASN B 43 11.90 -3.45 5.15
C ASN B 43 11.17 -4.79 5.03
N SER B 44 11.15 -5.52 6.14
CA SER B 44 10.44 -6.79 6.23
C SER B 44 9.57 -6.77 7.48
N VAL B 45 8.32 -7.20 7.34
CA VAL B 45 7.39 -7.20 8.47
C VAL B 45 7.86 -8.22 9.49
N ILE B 46 8.17 -7.75 10.70
CA ILE B 46 8.67 -8.62 11.75
C ILE B 46 7.80 -8.53 12.99
N ARG B 47 6.79 -7.65 12.97
CA ARG B 47 5.88 -7.57 14.10
C ARG B 47 4.54 -7.00 13.66
N VAL B 48 3.47 -7.64 14.12
CA VAL B 48 2.11 -7.16 13.86
C VAL B 48 1.34 -7.16 15.18
N ASP B 49 1.06 -5.98 15.71
CA ASP B 49 0.36 -5.83 16.98
C ASP B 49 -1.07 -5.37 16.72
N LEU B 50 -2.03 -6.22 17.05
CA LEU B 50 -3.45 -5.90 16.91
C LEU B 50 -4.22 -6.37 18.14
N GLY B 51 -3.64 -6.18 19.32
CA GLY B 51 -4.26 -6.65 20.55
C GLY B 51 -5.25 -5.66 21.12
N ASN B 52 -6.34 -6.20 21.67
CA ASN B 52 -7.39 -5.41 22.33
C ASN B 52 -7.97 -4.34 21.42
N ALA B 53 -8.07 -4.64 20.12
CA ALA B 53 -8.71 -3.75 19.15
C ALA B 53 -9.98 -4.43 18.67
N GLN B 54 -11.11 -3.73 18.80
CA GLN B 54 -12.40 -4.31 18.46
C GLN B 54 -12.45 -4.75 17.00
N LEU B 55 -12.51 -6.06 16.78
CA LEU B 55 -12.51 -6.63 15.44
C LEU B 55 -13.41 -7.86 15.43
N SER B 56 -13.81 -8.26 14.23
CA SER B 56 -14.61 -9.47 14.07
C SER B 56 -14.38 -10.02 12.68
N GLY B 57 -14.94 -11.20 12.42
CA GLY B 57 -14.81 -11.82 11.12
C GLY B 57 -14.08 -13.15 11.16
N ALA B 58 -13.10 -13.33 10.27
CA ALA B 58 -12.35 -14.58 10.22
C ALA B 58 -10.99 -14.31 9.59
N LEU B 59 -10.02 -15.13 9.95
CA LEU B 59 -8.68 -15.03 9.40
C LEU B 59 -8.66 -15.53 7.95
N VAL B 60 -7.49 -15.48 7.34
CA VAL B 60 -7.31 -15.89 5.96
C VAL B 60 -6.11 -16.84 5.87
N SER B 61 -6.07 -17.59 4.77
CA SER B 61 -4.97 -18.51 4.51
C SER B 61 -3.76 -17.81 3.90
N GLN B 62 -3.84 -16.51 3.64
CA GLN B 62 -2.72 -15.75 3.10
C GLN B 62 -1.72 -15.32 4.17
N LEU B 63 -1.98 -15.64 5.44
CA LEU B 63 -1.04 -15.34 6.51
C LEU B 63 0.05 -16.39 6.58
N GLY B 64 0.68 -16.69 5.44
CA GLY B 64 1.76 -17.65 5.39
C GLY B 64 2.87 -17.21 4.47
N GLN B 65 2.71 -16.04 3.85
CA GLN B 65 3.73 -15.47 2.97
C GLN B 65 4.61 -14.46 3.68
N LEU B 66 4.38 -14.21 4.96
CA LEU B 66 5.24 -13.33 5.76
C LEU B 66 6.31 -14.20 6.40
N LYS B 67 7.43 -14.33 5.70
CA LYS B 67 8.46 -15.27 6.12
C LYS B 67 9.22 -14.83 7.36
N ASN B 68 9.32 -13.52 7.60
CA ASN B 68 10.12 -12.98 8.70
C ASN B 68 9.27 -12.55 9.89
N LEU B 69 8.00 -12.92 9.94
CA LEU B 69 7.16 -12.58 11.07
C LEU B 69 7.69 -13.26 12.33
N GLN B 70 7.76 -12.47 13.42
CA GLN B 70 8.29 -12.97 14.68
C GLN B 70 7.32 -12.86 15.85
N TYR B 71 6.34 -11.97 15.79
CA TYR B 71 5.37 -11.81 16.87
C TYR B 71 4.02 -11.49 16.25
N LEU B 72 3.07 -12.42 16.38
CA LEU B 72 1.72 -12.24 15.87
C LEU B 72 0.77 -12.19 17.07
N GLU B 73 0.12 -11.05 17.27
CA GLU B 73 -0.78 -10.84 18.40
C GLU B 73 -2.14 -10.41 17.87
N LEU B 74 -3.16 -11.24 18.13
CA LEU B 74 -4.53 -10.94 17.73
C LEU B 74 -5.50 -11.30 18.85
N TYR B 75 -5.12 -11.02 20.09
CA TYR B 75 -5.91 -11.45 21.24
C TYR B 75 -6.95 -10.41 21.62
N SER B 76 -7.87 -10.82 22.50
CA SER B 76 -8.90 -9.95 23.05
C SER B 76 -9.78 -9.33 21.96
N ASN B 77 -10.14 -10.17 20.98
CA ASN B 77 -11.02 -9.72 19.90
C ASN B 77 -12.24 -10.62 19.79
N ASN B 78 -13.08 -10.38 18.78
CA ASN B 78 -14.27 -11.18 18.53
C ASN B 78 -14.15 -12.01 17.26
N ILE B 79 -12.91 -12.39 16.90
CA ILE B 79 -12.68 -13.17 15.70
C ILE B 79 -13.25 -14.58 15.88
N SER B 80 -13.78 -15.14 14.80
CA SER B 80 -14.37 -16.47 14.82
C SER B 80 -13.98 -17.20 13.55
N GLY B 81 -13.96 -18.54 13.64
CA GLY B 81 -13.61 -19.36 12.50
C GLY B 81 -12.66 -20.49 12.85
N THR B 82 -11.82 -20.86 11.90
CA THR B 82 -10.86 -21.94 12.08
C THR B 82 -9.45 -21.42 11.88
N ILE B 83 -8.51 -21.96 12.64
CA ILE B 83 -7.10 -21.59 12.53
C ILE B 83 -6.58 -22.08 11.19
N PRO B 84 -6.00 -21.22 10.37
CA PRO B 84 -5.51 -21.65 9.05
C PRO B 84 -4.43 -22.72 9.18
N LEU B 85 -4.45 -23.67 8.23
CA LEU B 85 -3.45 -24.72 8.20
C LEU B 85 -2.09 -24.24 7.70
N GLU B 86 -2.01 -23.03 7.16
CA GLU B 86 -0.77 -22.48 6.63
C GLU B 86 0.07 -21.78 7.67
N LEU B 87 -0.43 -21.65 8.90
CA LEU B 87 0.31 -20.95 9.95
C LEU B 87 1.64 -21.64 10.27
N GLY B 88 1.79 -22.90 9.90
CA GLY B 88 3.06 -23.58 10.10
C GLY B 88 4.14 -23.22 9.11
N ASN B 89 3.83 -22.40 8.11
CA ASN B 89 4.83 -21.98 7.13
C ASN B 89 5.69 -20.82 7.62
N LEU B 90 5.38 -20.25 8.78
CA LEU B 90 6.16 -19.13 9.33
C LEU B 90 7.32 -19.71 10.13
N THR B 91 8.43 -19.97 9.45
CA THR B 91 9.56 -20.66 10.09
C THR B 91 10.21 -19.82 11.19
N ASN B 92 10.10 -18.50 11.11
CA ASN B 92 10.75 -17.62 12.07
C ASN B 92 9.81 -17.12 13.17
N LEU B 93 8.62 -17.69 13.27
CA LEU B 93 7.66 -17.26 14.28
C LEU B 93 8.20 -17.60 15.67
N VAL B 94 8.07 -16.64 16.59
CA VAL B 94 8.64 -16.79 17.93
C VAL B 94 7.53 -16.80 18.99
N SER B 95 6.44 -16.08 18.72
CA SER B 95 5.36 -15.97 19.69
C SER B 95 4.03 -15.90 18.95
N LEU B 96 3.14 -16.85 19.25
CA LEU B 96 1.84 -16.97 18.59
C LEU B 96 0.76 -16.87 19.65
N ASP B 97 0.20 -15.69 19.83
CA ASP B 97 -0.86 -15.44 20.79
C ASP B 97 -2.18 -15.22 20.07
N LEU B 98 -3.18 -16.04 20.40
CA LEU B 98 -4.51 -15.93 19.81
C LEU B 98 -5.60 -16.14 20.84
N TYR B 99 -5.32 -15.84 22.11
CA TYR B 99 -6.27 -16.12 23.18
C TYR B 99 -7.37 -15.07 23.22
N LEU B 100 -8.40 -15.36 24.02
CA LEU B 100 -9.58 -14.51 24.18
C LEU B 100 -10.22 -14.20 22.82
N ASN B 101 -10.69 -15.26 22.17
CA ASN B 101 -11.33 -15.16 20.87
C ASN B 101 -12.50 -16.14 20.85
N LYS B 102 -13.05 -16.37 19.66
CA LYS B 102 -14.17 -17.28 19.45
C LYS B 102 -13.84 -18.28 18.35
N PHE B 103 -12.63 -18.83 18.42
CA PHE B 103 -12.19 -19.81 17.44
C PHE B 103 -12.84 -21.17 17.70
N THR B 104 -12.89 -21.98 16.65
CA THR B 104 -13.46 -23.32 16.75
C THR B 104 -12.81 -24.21 15.69
N GLY B 105 -12.82 -25.51 15.95
CA GLY B 105 -12.22 -26.46 15.03
C GLY B 105 -11.26 -27.41 15.71
N GLY B 106 -9.98 -27.35 15.33
CA GLY B 106 -8.97 -28.20 15.93
C GLY B 106 -7.60 -27.62 15.73
N ILE B 107 -6.68 -27.98 16.62
CA ILE B 107 -5.30 -27.52 16.53
C ILE B 107 -4.65 -28.15 15.30
N PRO B 108 -4.15 -27.36 14.35
CA PRO B 108 -3.61 -27.93 13.11
C PRO B 108 -2.36 -28.75 13.36
N ASP B 109 -2.16 -29.76 12.50
CA ASP B 109 -0.95 -30.57 12.56
C ASP B 109 0.28 -29.74 12.23
N THR B 110 0.12 -28.73 11.37
CA THR B 110 1.27 -27.96 10.88
C THR B 110 1.99 -27.17 11.96
N LEU B 111 1.39 -26.99 13.15
CA LEU B 111 2.08 -26.30 14.22
C LEU B 111 3.03 -27.23 14.96
N GLY B 112 3.86 -27.95 14.22
CA GLY B 112 4.92 -28.76 14.80
C GLY B 112 6.20 -28.60 14.01
N LYS B 113 6.11 -27.87 12.89
CA LYS B 113 7.26 -27.56 12.05
C LYS B 113 8.02 -26.34 12.53
N LEU B 114 7.48 -25.63 13.52
CA LEU B 114 8.10 -24.42 14.03
C LEU B 114 9.10 -24.80 15.11
N LEU B 115 10.39 -24.63 14.81
CA LEU B 115 11.46 -24.99 15.73
C LEU B 115 11.96 -23.81 16.54
N LYS B 116 11.36 -22.63 16.38
CA LYS B 116 11.75 -21.44 17.13
C LYS B 116 10.64 -20.91 18.03
N LEU B 117 9.52 -21.60 18.12
CA LEU B 117 8.41 -21.14 18.94
C LEU B 117 8.79 -21.13 20.42
N ARG B 118 8.35 -20.10 21.13
CA ARG B 118 8.65 -19.96 22.55
C ARG B 118 7.38 -19.78 23.36
N PHE B 119 6.38 -19.10 22.81
CA PHE B 119 5.11 -18.86 23.46
C PHE B 119 3.97 -19.39 22.60
N LEU B 120 3.00 -20.04 23.25
CA LEU B 120 1.84 -20.57 22.55
C LEU B 120 0.67 -20.59 23.55
N ARG B 121 -0.18 -19.57 23.48
CA ARG B 121 -1.32 -19.43 24.38
C ARG B 121 -2.59 -19.33 23.56
N LEU B 122 -3.59 -20.13 23.92
CA LEU B 122 -4.88 -20.16 23.25
C LEU B 122 -6.01 -20.19 24.28
N ASN B 123 -5.92 -19.28 25.26
CA ASN B 123 -6.91 -19.21 26.32
C ASN B 123 -8.28 -18.80 25.77
N ASN B 124 -9.32 -19.22 26.48
CA ASN B 124 -10.70 -18.78 26.26
C ASN B 124 -11.11 -18.90 24.80
N ASN B 125 -11.04 -20.14 24.30
CA ASN B 125 -11.48 -20.43 22.95
C ASN B 125 -12.48 -21.59 22.95
N SER B 126 -12.87 -22.06 21.77
CA SER B 126 -13.80 -23.16 21.62
C SER B 126 -13.25 -24.21 20.67
N LEU B 127 -11.95 -24.45 20.73
CA LEU B 127 -11.33 -25.47 19.90
C LEU B 127 -11.71 -26.86 20.40
N SER B 128 -11.64 -27.83 19.49
CA SER B 128 -11.99 -29.20 19.79
C SER B 128 -10.94 -30.11 19.16
N GLY B 129 -11.19 -31.43 19.22
CA GLY B 129 -10.26 -32.39 18.67
C GLY B 129 -9.30 -32.95 19.69
N GLN B 130 -8.08 -33.25 19.27
CA GLN B 130 -7.06 -33.81 20.15
C GLN B 130 -5.76 -33.04 19.97
N ILE B 131 -4.94 -33.03 21.02
CA ILE B 131 -3.66 -32.34 21.00
C ILE B 131 -2.70 -33.09 20.08
N PRO B 132 -2.17 -32.45 19.05
CA PRO B 132 -1.24 -33.14 18.15
C PRO B 132 0.05 -33.51 18.86
N GLN B 133 0.65 -34.62 18.43
CA GLN B 133 1.92 -35.06 19.00
C GLN B 133 3.10 -34.22 18.51
N SER B 134 2.95 -33.52 17.39
CA SER B 134 4.04 -32.72 16.86
C SER B 134 4.49 -31.64 17.83
N LEU B 135 3.63 -31.24 18.77
CA LEU B 135 4.02 -30.26 19.78
C LEU B 135 5.22 -30.74 20.58
N THR B 136 5.42 -32.06 20.71
CA THR B 136 6.57 -32.56 21.45
C THR B 136 7.88 -32.32 20.74
N ASN B 137 7.87 -32.08 19.41
CA ASN B 137 9.11 -31.90 18.69
C ASN B 137 9.67 -30.49 18.85
N ILE B 138 8.85 -29.57 19.37
CA ILE B 138 9.28 -28.19 19.58
C ILE B 138 10.03 -28.16 20.91
N SER B 139 11.36 -28.25 20.84
CA SER B 139 12.18 -28.22 22.05
C SER B 139 12.30 -26.82 22.63
N THR B 140 12.22 -25.79 21.78
CA THR B 140 12.39 -24.41 22.23
C THR B 140 11.14 -23.84 22.90
N LEU B 141 10.01 -24.55 22.85
CA LEU B 141 8.79 -24.04 23.45
C LEU B 141 8.95 -23.97 24.97
N GLN B 142 8.54 -22.84 25.54
CA GLN B 142 8.69 -22.60 26.97
C GLN B 142 7.37 -22.37 27.69
N VAL B 143 6.45 -21.62 27.09
CA VAL B 143 5.18 -21.28 27.71
C VAL B 143 4.05 -21.89 26.86
N LEU B 144 3.17 -22.63 27.52
CA LEU B 144 2.03 -23.25 26.85
C LEU B 144 0.85 -23.21 27.81
N ASP B 145 -0.27 -22.66 27.36
CA ASP B 145 -1.43 -22.42 28.21
C ASP B 145 -2.72 -22.85 27.52
N LEU B 146 -2.73 -24.08 26.99
CA LEU B 146 -3.94 -24.58 26.35
C LEU B 146 -5.01 -24.91 27.37
N SER B 147 -5.82 -23.91 27.73
CA SER B 147 -6.85 -24.08 28.75
C SER B 147 -8.10 -23.35 28.31
N ASN B 148 -9.22 -23.69 28.96
CA ASN B 148 -10.54 -23.13 28.67
C ASN B 148 -10.93 -23.40 27.22
N ASN B 149 -10.98 -24.68 26.87
CA ASN B 149 -11.33 -25.12 25.52
C ASN B 149 -12.20 -26.37 25.64
N ASN B 150 -12.41 -27.03 24.52
CA ASN B 150 -13.18 -28.28 24.46
C ASN B 150 -12.33 -29.38 23.83
N LEU B 151 -11.08 -29.49 24.25
CA LEU B 151 -10.18 -30.50 23.72
C LEU B 151 -10.46 -31.85 24.36
N SER B 152 -9.89 -32.89 23.76
CA SER B 152 -10.04 -34.26 24.26
C SER B 152 -8.81 -35.06 23.84
N GLY B 153 -8.86 -36.37 24.07
CA GLY B 153 -7.76 -37.23 23.71
C GLY B 153 -6.81 -37.51 24.86
N ALA B 154 -5.53 -37.67 24.54
CA ALA B 154 -4.51 -37.96 25.54
C ALA B 154 -3.48 -36.83 25.57
N VAL B 155 -3.08 -36.45 26.78
CA VAL B 155 -2.10 -35.39 26.97
C VAL B 155 -0.70 -35.94 26.74
N PRO B 156 0.08 -35.36 25.83
CA PRO B 156 1.46 -35.83 25.63
C PRO B 156 2.30 -35.65 26.88
N SER B 157 3.23 -36.59 27.09
CA SER B 157 4.11 -36.57 28.25
C SER B 157 5.57 -36.74 27.88
N THR B 158 5.93 -36.63 26.61
CA THR B 158 7.30 -36.77 26.15
C THR B 158 7.82 -35.44 25.63
N GLY B 159 9.15 -35.32 25.62
CA GLY B 159 9.77 -34.10 25.14
C GLY B 159 9.52 -32.92 26.07
N SER B 160 9.41 -31.74 25.46
CA SER B 160 9.23 -30.51 26.22
C SER B 160 7.98 -30.52 27.08
N PHE B 161 6.99 -31.36 26.75
CA PHE B 161 5.79 -31.49 27.56
C PHE B 161 6.06 -32.04 28.95
N SER B 162 7.23 -32.64 29.18
CA SER B 162 7.54 -33.19 30.49
C SER B 162 7.63 -32.11 31.56
N LEU B 163 8.22 -30.97 31.21
CA LEU B 163 8.42 -29.90 32.19
C LEU B 163 7.12 -29.19 32.54
N PHE B 164 6.12 -29.26 31.66
CA PHE B 164 4.90 -28.48 31.87
C PHE B 164 4.05 -29.08 32.98
N THR B 165 3.42 -28.20 33.74
CA THR B 165 2.58 -28.54 34.88
C THR B 165 1.12 -28.61 34.46
N PRO B 166 0.26 -29.23 35.28
CA PRO B 166 -1.15 -29.38 34.87
C PRO B 166 -1.88 -28.08 34.63
N ILE B 167 -1.40 -26.94 35.15
CA ILE B 167 -2.07 -25.67 34.92
C ILE B 167 -2.07 -25.31 33.44
N SER B 168 -1.13 -25.86 32.66
CA SER B 168 -1.10 -25.60 31.23
C SER B 168 -2.37 -26.11 30.54
N PHE B 169 -2.84 -27.30 30.93
CA PHE B 169 -4.05 -27.88 30.38
C PHE B 169 -5.08 -27.96 31.50
N GLY B 170 -5.92 -26.94 31.59
CA GLY B 170 -6.94 -26.88 32.63
C GLY B 170 -8.29 -26.56 32.05
N ASN B 171 -9.33 -26.92 32.82
CA ASN B 171 -10.73 -26.70 32.43
C ASN B 171 -11.04 -27.36 31.09
N ASN B 172 -10.58 -28.59 30.93
CA ASN B 172 -10.87 -29.42 29.76
C ASN B 172 -11.44 -30.74 30.27
N PRO B 173 -12.75 -30.81 30.49
CA PRO B 173 -13.33 -32.03 31.07
C PRO B 173 -13.12 -33.28 30.22
N ASN B 174 -13.10 -33.15 28.90
CA ASN B 174 -12.95 -34.31 28.03
C ASN B 174 -11.49 -34.71 27.81
N LEU B 175 -10.54 -33.98 28.38
CA LEU B 175 -9.13 -34.30 28.25
C LEU B 175 -8.79 -35.57 29.03
N PRO C 1 -22.69 2.51 -14.04
CA PRO C 1 -21.32 2.14 -14.41
C PRO C 1 -20.89 0.83 -13.76
N ARG C 2 -19.68 0.37 -14.06
CA ARG C 2 -19.13 -0.84 -13.48
C ARG C 2 -17.88 -0.59 -12.67
N GLY C 3 -16.92 0.17 -13.20
CA GLY C 3 -15.67 0.42 -12.51
C GLY C 3 -15.01 1.68 -13.02
N GLY C 4 -13.88 2.00 -12.40
CA GLY C 4 -13.13 3.19 -12.74
C GLY C 4 -12.14 2.95 -13.87
N GLY C 5 -11.17 3.86 -13.95
CA GLY C 5 -10.15 3.79 -14.98
C GLY C 5 -10.64 4.34 -16.31
N SER C 6 -9.79 5.11 -16.98
CA SER C 6 -10.16 5.72 -18.26
C SER C 6 -8.91 6.22 -18.96
N ALA C 7 -8.82 5.91 -20.25
CA ALA C 7 -7.73 6.38 -21.11
C ALA C 7 -6.36 6.08 -20.52
N GLY C 8 -5.60 7.13 -20.20
CA GLY C 8 -4.22 6.99 -19.77
C GLY C 8 -4.00 7.28 -18.30
N ALA C 9 -4.87 6.76 -17.44
CA ALA C 9 -4.78 7.02 -16.01
C ALA C 9 -3.40 6.59 -15.49
N PRO C 10 -2.82 7.34 -14.56
CA PRO C 10 -1.46 7.05 -14.11
C PRO C 10 -1.39 5.79 -13.26
N ASN C 11 -0.16 5.37 -12.99
CA ASN C 11 0.09 4.26 -12.08
C ASN C 11 -0.16 4.69 -10.64
N GLY C 12 -0.15 3.73 -9.73
CA GLY C 12 -0.52 3.98 -8.36
C GLY C 12 0.56 3.78 -7.31
N CYS C 13 1.61 3.05 -7.65
CA CYS C 13 2.64 2.71 -6.67
C CYS C 13 3.42 3.95 -6.24
N THR C 14 3.29 4.33 -4.98
CA THR C 14 4.04 5.43 -4.39
C THR C 14 4.36 5.10 -2.94
N ASN C 15 5.40 5.75 -2.41
CA ASN C 15 5.71 5.63 -0.99
C ASN C 15 5.08 6.73 -0.15
N ASN C 16 4.43 7.71 -0.79
CA ASN C 16 3.85 8.83 -0.05
C ASN C 16 2.62 8.38 0.73
N PRO C 17 2.59 8.53 2.04
CA PRO C 17 1.37 8.20 2.80
C PRO C 17 0.19 9.10 2.45
N LYS C 18 0.44 10.28 1.90
CA LYS C 18 -0.60 11.24 1.54
C LYS C 18 -0.39 11.62 0.08
N HIS C 19 -1.08 10.92 -0.82
CA HIS C 19 -0.94 11.12 -2.25
C HIS C 19 -2.31 11.43 -2.86
N PRO C 20 -2.34 12.10 -4.00
CA PRO C 20 -3.62 12.34 -4.67
C PRO C 20 -4.27 11.03 -5.06
N PRO C 21 -5.60 10.95 -5.01
CA PRO C 21 -6.28 9.68 -5.29
C PRO C 21 -6.18 9.30 -6.76
N GLY C 22 -6.27 8.00 -7.01
CA GLY C 22 -6.31 7.51 -8.39
C GLY C 22 -5.18 6.56 -8.72
N GLY C 23 -5.55 5.39 -9.21
CA GLY C 23 -4.59 4.41 -9.72
C GLY C 23 -4.59 3.13 -8.90
N LYS C 24 -3.90 2.14 -9.45
CA LYS C 24 -3.70 0.85 -8.82
C LYS C 24 -2.24 0.46 -8.93
N CYS C 25 -1.69 -0.07 -7.85
CA CYS C 25 -0.25 -0.36 -7.78
C CYS C 25 0.07 -1.55 -8.68
N HIS C 26 0.73 -1.27 -9.81
CA HIS C 26 1.18 -2.30 -10.74
C HIS C 26 2.69 -2.27 -10.79
N GLY C 27 3.31 -3.44 -10.71
CA GLY C 27 4.76 -3.55 -10.78
C GLY C 27 5.36 -4.28 -9.59
#